data_6MDA
#
_entry.id   6MDA
#
_cell.length_a   46.630
_cell.length_b   213.290
_cell.length_c   56.000
_cell.angle_alpha   90.000
_cell.angle_beta   96.860
_cell.angle_gamma   90.000
#
_symmetry.space_group_name_H-M   'P 1 21 1'
#
loop_
_entity.id
_entity.type
_entity.pdbx_description
1 polymer 'Tyrosine-protein phosphatase non-receptor type 11'
2 non-polymer '3-(4-bromophenyl)-6-(4-methylphenyl)-1H-pyrazolo[3,4-b]pyridine-4-carboxylic acid'
3 non-polymer 'PHOSPHATE ION'
4 water water
#
_entity_poly.entity_id   1
_entity_poly.type   'polypeptide(L)'
_entity_poly.pdbx_seq_one_letter_code
;SMTSRRWFHPNITGVEAENLLLTRGVDGSFLARPSKSNPGDFTLSVRRNGAVTHIKIQNTGDYYDLYGGEKFATLAELVQ
YYMEHHGQLKEKNGDVIELKYPLNCADPTSERWFHGHLSGKEAEKLLTEKGKHGSFLVRESQSHPGDFVLSVRTGDDKGE
SNDGKSKVTHVMIRCQELKYDVGGGERFDSLTDLVEHYKKNPMVETLGTVLQLKQPLNTTRINAAEIESRVRELSKLAET
TDKVKQGFWEEFETLQQQECKLLYSRKEGQRQENKNKNRYKNILPFDHTRVVLHDGDPNEPVSDYINANIIMPEFETKCN
NSKPKKSYIATQGCLQNTVNDFWRMVFQENSRVIVMTTKEVERGKSKCVKYWPDEYALKEYGVMRVRNVKESAAHDYTLR
ELKLSKVGQGNTERTVWQYHFRTWPDHGVPSDPGGVLDFLEEVHHKQESIMDAGPVVVHCSAGIGRTGTFIVIDILIDII
REKGVDCDIDVPKTIQMVRSQRSGMVQTEAQYRFIYMAVQHYIETL
;
_entity_poly.pdbx_strand_id   A,B
#
loop_
_chem_comp.id
_chem_comp.type
_chem_comp.name
_chem_comp.formula
JED non-polymer '3-(4-bromophenyl)-6-(4-methylphenyl)-1H-pyrazolo[3,4-b]pyridine-4-carboxylic acid' 'C20 H14 Br N3 O2'
PO4 non-polymer 'PHOSPHATE ION' 'O4 P -3'
#
# COMPACT_ATOMS: atom_id res chain seq x y z
N ARG A 5 -29.44 -19.14 -19.57
CA ARG A 5 -29.26 -17.78 -19.07
C ARG A 5 -30.42 -16.83 -19.45
N ARG A 6 -31.62 -17.39 -19.60
CA ARG A 6 -32.87 -16.70 -19.97
C ARG A 6 -33.36 -15.70 -18.92
N TRP A 7 -32.90 -15.80 -17.64
CA TRP A 7 -33.30 -14.90 -16.55
C TRP A 7 -32.70 -13.49 -16.72
N PHE A 8 -31.70 -13.33 -17.62
CA PHE A 8 -31.09 -12.02 -17.85
C PHE A 8 -31.77 -11.26 -18.97
N HIS A 9 -32.39 -10.13 -18.59
CA HIS A 9 -33.14 -9.21 -19.46
C HIS A 9 -32.23 -7.95 -19.69
N PRO A 10 -31.54 -7.85 -20.84
CA PRO A 10 -30.61 -6.72 -21.03
C PRO A 10 -31.20 -5.33 -21.33
N ASN A 11 -32.43 -5.26 -21.86
CA ASN A 11 -32.98 -3.97 -22.28
C ASN A 11 -34.22 -3.48 -21.51
N ILE A 12 -34.53 -4.03 -20.32
CA ILE A 12 -35.72 -3.56 -19.59
C ILE A 12 -35.40 -2.62 -18.42
N THR A 13 -36.41 -1.85 -18.04
CA THR A 13 -36.42 -0.87 -16.96
C THR A 13 -37.03 -1.52 -15.70
N GLY A 14 -36.73 -0.96 -14.54
CA GLY A 14 -37.23 -1.40 -13.23
C GLY A 14 -38.73 -1.57 -13.17
N VAL A 15 -39.47 -0.60 -13.78
CA VAL A 15 -40.93 -0.56 -13.86
C VAL A 15 -41.43 -1.75 -14.70
N GLU A 16 -40.82 -1.96 -15.89
CA GLU A 16 -41.09 -3.09 -16.79
C GLU A 16 -40.80 -4.40 -16.06
N ALA A 17 -39.71 -4.43 -15.26
CA ALA A 17 -39.28 -5.60 -14.48
C ALA A 17 -40.31 -5.94 -13.42
N GLU A 18 -40.92 -4.91 -12.78
CA GLU A 18 -41.96 -5.06 -11.74
C GLU A 18 -43.26 -5.60 -12.32
N ASN A 19 -43.63 -5.16 -13.54
CA ASN A 19 -44.85 -5.59 -14.21
C ASN A 19 -44.75 -7.04 -14.62
N LEU A 20 -43.56 -7.44 -15.16
CA LEU A 20 -43.25 -8.80 -15.59
C LEU A 20 -43.41 -9.75 -14.44
N LEU A 21 -42.79 -9.43 -13.30
CA LEU A 21 -42.81 -10.24 -12.08
C LEU A 21 -44.18 -10.37 -11.44
N LEU A 22 -44.98 -9.27 -11.42
CA LEU A 22 -46.32 -9.25 -10.84
C LEU A 22 -47.42 -9.86 -11.74
N THR A 23 -47.12 -10.13 -13.05
CA THR A 23 -48.12 -10.67 -13.98
C THR A 23 -47.76 -12.04 -14.58
N ARG A 24 -46.47 -12.25 -14.90
CA ARG A 24 -45.95 -13.47 -15.53
C ARG A 24 -45.17 -14.37 -14.56
N GLY A 25 -44.99 -13.89 -13.34
CA GLY A 25 -44.28 -14.59 -12.28
C GLY A 25 -45.10 -14.76 -11.03
N VAL A 26 -44.56 -15.50 -10.06
CA VAL A 26 -45.19 -15.83 -8.77
C VAL A 26 -44.14 -15.52 -7.70
N ASP A 27 -44.39 -15.83 -6.42
CA ASP A 27 -43.41 -15.63 -5.35
C ASP A 27 -42.26 -16.62 -5.51
N GLY A 28 -41.05 -16.08 -5.61
CA GLY A 28 -39.85 -16.87 -5.84
C GLY A 28 -39.35 -16.63 -7.24
N SER A 29 -40.10 -15.83 -8.02
CA SER A 29 -39.69 -15.46 -9.36
C SER A 29 -38.68 -14.34 -9.29
N PHE A 30 -37.71 -14.36 -10.20
CA PHE A 30 -36.65 -13.38 -10.20
C PHE A 30 -36.11 -13.21 -11.60
N LEU A 31 -35.43 -12.10 -11.81
CA LEU A 31 -34.69 -11.80 -13.02
C LEU A 31 -33.53 -10.86 -12.65
N ALA A 32 -32.52 -10.76 -13.52
CA ALA A 32 -31.35 -9.89 -13.37
C ALA A 32 -31.30 -9.01 -14.61
N ARG A 33 -30.92 -7.75 -14.44
CA ARG A 33 -30.90 -6.77 -15.53
C ARG A 33 -29.80 -5.71 -15.31
N PRO A 34 -29.29 -5.02 -16.36
CA PRO A 34 -28.30 -3.97 -16.09
C PRO A 34 -29.03 -2.76 -15.51
N SER A 35 -28.41 -2.07 -14.53
CA SER A 35 -28.96 -0.87 -13.90
C SER A 35 -28.85 0.31 -14.88
N ASN A 38 -27.35 3.63 -12.56
CA ASN A 38 -25.89 3.62 -12.63
C ASN A 38 -25.34 2.57 -13.62
N PRO A 39 -25.13 2.95 -14.93
CA PRO A 39 -24.58 1.98 -15.91
C PRO A 39 -23.24 1.38 -15.46
N GLY A 40 -23.16 0.06 -15.51
CA GLY A 40 -22.01 -0.71 -15.02
C GLY A 40 -22.46 -1.61 -13.88
N ASP A 41 -23.56 -1.23 -13.21
CA ASP A 41 -24.18 -1.99 -12.12
C ASP A 41 -25.32 -2.87 -12.67
N PHE A 42 -25.79 -3.83 -11.87
CA PHE A 42 -26.85 -4.78 -12.19
C PHE A 42 -27.92 -4.84 -11.07
N THR A 43 -29.16 -5.24 -11.42
CA THR A 43 -30.25 -5.32 -10.44
C THR A 43 -30.95 -6.66 -10.50
N LEU A 44 -30.99 -7.35 -9.36
CA LEU A 44 -31.68 -8.62 -9.18
C LEU A 44 -33.11 -8.24 -8.71
N SER A 45 -34.10 -8.31 -9.62
CA SER A 45 -35.50 -7.99 -9.30
C SER A 45 -36.25 -9.26 -8.91
N VAL A 46 -36.61 -9.42 -7.62
CA VAL A 46 -37.27 -10.62 -7.06
C VAL A 46 -38.71 -10.36 -6.61
N ARG A 47 -39.58 -11.39 -6.74
CA ARG A 47 -40.96 -11.37 -6.25
C ARG A 47 -41.04 -12.14 -4.91
N ARG A 48 -41.62 -11.50 -3.87
CA ARG A 48 -41.79 -12.06 -2.53
C ARG A 48 -43.04 -11.45 -1.91
N ASN A 49 -44.03 -12.29 -1.55
CA ASN A 49 -45.32 -11.88 -0.95
C ASN A 49 -46.08 -10.82 -1.78
N GLY A 50 -46.26 -11.10 -3.07
CA GLY A 50 -46.95 -10.21 -4.01
C GLY A 50 -46.33 -8.83 -4.20
N ALA A 51 -45.02 -8.70 -3.92
CA ALA A 51 -44.24 -7.47 -4.01
C ALA A 51 -42.85 -7.73 -4.64
N VAL A 52 -42.27 -6.69 -5.28
CA VAL A 52 -40.97 -6.76 -5.96
C VAL A 52 -39.83 -6.07 -5.14
N THR A 53 -38.71 -6.79 -4.89
CA THR A 53 -37.48 -6.30 -4.24
C THR A 53 -36.43 -6.14 -5.33
N HIS A 54 -35.66 -5.03 -5.29
CA HIS A 54 -34.61 -4.71 -6.27
C HIS A 54 -33.27 -4.71 -5.55
N ILE A 55 -32.43 -5.75 -5.79
CA ILE A 55 -31.13 -5.93 -5.13
C ILE A 55 -29.98 -5.50 -6.04
N LYS A 56 -29.05 -4.67 -5.50
CA LYS A 56 -27.91 -4.15 -6.26
C LYS A 56 -26.74 -5.13 -6.37
N ILE A 57 -26.17 -5.19 -7.58
CA ILE A 57 -24.99 -5.98 -7.91
C ILE A 57 -23.99 -4.99 -8.45
N GLN A 58 -22.81 -4.93 -7.81
CA GLN A 58 -21.74 -4.00 -8.19
C GLN A 58 -20.55 -4.71 -8.80
N ASN A 59 -19.99 -4.13 -9.84
CA ASN A 59 -18.78 -4.67 -10.41
C ASN A 59 -17.92 -3.54 -10.96
N THR A 60 -16.91 -3.12 -10.19
CA THR A 60 -15.96 -2.09 -10.63
C THR A 60 -14.78 -2.75 -11.36
N GLY A 61 -14.83 -4.06 -11.54
CA GLY A 61 -13.82 -4.82 -12.30
C GLY A 61 -13.18 -5.97 -11.58
N ASP A 62 -13.51 -6.18 -10.30
CA ASP A 62 -12.90 -7.27 -9.53
C ASP A 62 -13.80 -8.50 -9.31
N TYR A 63 -15.12 -8.30 -9.17
CA TYR A 63 -16.12 -9.34 -8.87
C TYR A 63 -17.52 -8.73 -8.84
N TYR A 64 -18.57 -9.58 -8.87
CA TYR A 64 -19.97 -9.15 -8.78
C TYR A 64 -20.28 -9.16 -7.29
N ASP A 65 -20.54 -7.99 -6.73
CA ASP A 65 -20.78 -7.86 -5.29
C ASP A 65 -22.27 -7.62 -5.06
N LEU A 66 -22.98 -8.70 -4.64
CA LEU A 66 -24.42 -8.67 -4.36
C LEU A 66 -24.70 -8.08 -2.95
N TYR A 67 -25.46 -6.95 -2.90
CA TYR A 67 -25.86 -6.31 -1.63
C TYR A 67 -26.66 -7.30 -0.76
N GLY A 68 -26.15 -7.56 0.44
CA GLY A 68 -26.78 -8.50 1.36
C GLY A 68 -26.45 -9.95 1.04
N GLY A 69 -25.54 -10.15 0.08
CA GLY A 69 -25.09 -11.47 -0.34
C GLY A 69 -23.58 -11.62 -0.36
N GLU A 70 -23.09 -12.47 -1.26
CA GLU A 70 -21.65 -12.73 -1.41
C GLU A 70 -21.04 -12.08 -2.69
N LYS A 71 -19.75 -12.37 -2.96
CA LYS A 71 -19.00 -11.90 -4.13
C LYS A 71 -18.86 -13.05 -5.10
N PHE A 72 -19.16 -12.78 -6.39
CA PHE A 72 -19.14 -13.86 -7.38
C PHE A 72 -18.31 -13.59 -8.63
N ALA A 73 -17.77 -14.69 -9.23
CA ALA A 73 -16.97 -14.65 -10.46
C ALA A 73 -17.83 -14.35 -11.67
N THR A 74 -19.08 -14.89 -11.75
CA THR A 74 -20.08 -14.61 -12.80
C THR A 74 -21.52 -14.44 -12.22
N LEU A 75 -22.44 -13.86 -13.01
CA LEU A 75 -23.86 -13.76 -12.66
C LEU A 75 -24.52 -15.14 -12.71
N ALA A 76 -24.11 -16.02 -13.66
CA ALA A 76 -24.61 -17.41 -13.75
C ALA A 76 -24.25 -18.15 -12.45
N GLU A 77 -22.98 -17.99 -11.96
CA GLU A 77 -22.45 -18.57 -10.73
C GLU A 77 -23.21 -18.08 -9.49
N LEU A 78 -23.56 -16.77 -9.46
CA LEU A 78 -24.34 -16.13 -8.39
C LEU A 78 -25.74 -16.79 -8.33
N VAL A 79 -26.39 -16.92 -9.50
CA VAL A 79 -27.73 -17.51 -9.65
C VAL A 79 -27.74 -19.00 -9.29
N GLN A 80 -26.77 -19.80 -9.76
CA GLN A 80 -26.61 -21.23 -9.47
C GLN A 80 -26.46 -21.48 -7.97
N TYR A 81 -25.77 -20.57 -7.27
CA TYR A 81 -25.52 -20.66 -5.85
C TYR A 81 -26.80 -20.46 -5.05
N TYR A 82 -27.52 -19.37 -5.30
CA TYR A 82 -28.73 -19.02 -4.57
C TYR A 82 -29.92 -19.94 -4.90
N MET A 83 -29.85 -20.66 -6.04
CA MET A 83 -30.84 -21.65 -6.45
C MET A 83 -30.54 -23.04 -5.85
N GLU A 84 -29.32 -23.24 -5.35
CA GLU A 84 -28.91 -24.48 -4.68
C GLU A 84 -28.69 -24.23 -3.17
N HIS A 85 -29.04 -23.02 -2.66
CA HIS A 85 -28.85 -22.63 -1.26
C HIS A 85 -30.04 -21.83 -0.71
N ILE A 97 -34.95 -13.77 1.21
CA ILE A 97 -35.27 -13.73 -0.23
C ILE A 97 -34.88 -15.06 -0.86
N GLU A 98 -35.84 -15.73 -1.52
CA GLU A 98 -35.64 -17.01 -2.20
C GLU A 98 -35.61 -16.82 -3.70
N LEU A 99 -34.61 -17.42 -4.39
CA LEU A 99 -34.46 -17.39 -5.85
C LEU A 99 -34.91 -18.78 -6.32
N LYS A 100 -36.19 -18.90 -6.69
CA LYS A 100 -36.79 -20.20 -7.08
C LYS A 100 -37.07 -20.32 -8.56
N TYR A 101 -37.76 -19.31 -9.16
CA TYR A 101 -38.19 -19.37 -10.55
C TYR A 101 -37.61 -18.32 -11.47
N PRO A 102 -36.70 -18.71 -12.41
CA PRO A 102 -36.21 -17.72 -13.38
C PRO A 102 -37.34 -17.20 -14.29
N LEU A 103 -37.49 -15.86 -14.39
CA LEU A 103 -38.49 -15.28 -15.31
C LEU A 103 -37.75 -15.10 -16.63
N ASN A 104 -38.18 -15.85 -17.65
CA ASN A 104 -37.50 -15.92 -18.94
C ASN A 104 -37.73 -14.71 -19.84
N CYS A 105 -36.64 -14.35 -20.54
CA CYS A 105 -36.49 -13.25 -21.47
C CYS A 105 -36.68 -13.82 -22.87
N ALA A 106 -37.45 -13.12 -23.70
CA ALA A 106 -37.70 -13.53 -25.08
C ALA A 106 -36.74 -12.78 -26.03
N ASP A 107 -36.33 -11.56 -25.60
CA ASP A 107 -35.44 -10.62 -26.31
C ASP A 107 -34.17 -11.33 -26.83
N PRO A 108 -33.98 -11.36 -28.17
CA PRO A 108 -32.83 -12.09 -28.73
C PRO A 108 -31.56 -11.26 -28.98
N THR A 109 -31.52 -9.98 -28.55
CA THR A 109 -30.42 -9.03 -28.81
C THR A 109 -29.04 -9.52 -28.38
N SER A 110 -28.95 -10.32 -27.32
CA SER A 110 -27.68 -10.88 -26.78
C SER A 110 -27.32 -12.28 -27.31
N GLU A 111 -27.96 -12.69 -28.41
CA GLU A 111 -27.73 -13.97 -29.08
C GLU A 111 -26.69 -13.76 -30.20
N ARG A 112 -25.71 -14.68 -30.32
CA ARG A 112 -24.62 -14.61 -31.28
C ARG A 112 -25.09 -14.53 -32.73
N TRP A 113 -26.19 -15.25 -33.03
CA TRP A 113 -26.81 -15.33 -34.35
C TRP A 113 -27.77 -14.15 -34.62
N PHE A 114 -28.15 -13.34 -33.60
CA PHE A 114 -29.08 -12.24 -33.86
C PHE A 114 -28.39 -10.97 -34.36
N HIS A 115 -28.72 -10.59 -35.61
CA HIS A 115 -28.20 -9.42 -36.32
C HIS A 115 -29.17 -8.25 -36.53
N GLY A 116 -30.46 -8.45 -36.24
CA GLY A 116 -31.51 -7.44 -36.37
C GLY A 116 -31.61 -6.80 -37.73
N HIS A 117 -31.38 -5.47 -37.79
CA HIS A 117 -31.42 -4.68 -39.02
C HIS A 117 -30.23 -5.09 -39.94
N LEU A 118 -30.48 -6.04 -40.86
CA LEU A 118 -29.50 -6.58 -41.80
C LEU A 118 -30.22 -7.12 -43.05
N SER A 119 -29.77 -6.70 -44.25
CA SER A 119 -30.39 -7.08 -45.53
C SER A 119 -29.87 -8.41 -46.10
N GLY A 120 -30.69 -9.01 -46.97
CA GLY A 120 -30.43 -10.29 -47.63
C GLY A 120 -29.11 -10.38 -48.37
N LYS A 121 -28.65 -9.24 -48.95
CA LYS A 121 -27.38 -9.15 -49.68
C LYS A 121 -26.24 -9.07 -48.66
N GLU A 122 -26.41 -8.23 -47.62
CA GLU A 122 -25.41 -8.06 -46.55
C GLU A 122 -25.18 -9.39 -45.80
N ALA A 123 -26.28 -10.13 -45.50
CA ALA A 123 -26.26 -11.45 -44.84
C ALA A 123 -25.58 -12.45 -45.74
N GLU A 124 -25.84 -12.39 -47.07
CA GLU A 124 -25.20 -13.25 -48.07
C GLU A 124 -23.72 -12.94 -48.19
N LYS A 125 -23.32 -11.65 -48.06
CA LYS A 125 -21.92 -11.25 -48.10
C LYS A 125 -21.18 -11.95 -46.93
N LEU A 126 -21.69 -11.73 -45.68
CA LEU A 126 -21.22 -12.29 -44.41
C LEU A 126 -21.08 -13.85 -44.40
N LEU A 127 -22.10 -14.60 -44.87
CA LEU A 127 -22.07 -16.08 -44.93
C LEU A 127 -21.09 -16.60 -46.01
N THR A 128 -20.87 -15.83 -47.05
CA THR A 128 -20.00 -16.17 -48.16
C THR A 128 -18.53 -16.01 -47.80
N GLU A 129 -18.17 -14.92 -47.10
CA GLU A 129 -16.80 -14.68 -46.69
C GLU A 129 -16.47 -15.34 -45.34
N LYS A 130 -17.14 -14.89 -44.26
CA LYS A 130 -16.97 -15.33 -42.87
C LYS A 130 -17.52 -16.71 -42.55
N GLY A 131 -18.49 -17.17 -43.36
CA GLY A 131 -19.17 -18.44 -43.15
C GLY A 131 -18.51 -19.69 -43.68
N LYS A 132 -18.98 -20.82 -43.14
CA LYS A 132 -18.62 -22.21 -43.45
C LYS A 132 -19.91 -23.04 -43.32
N HIS A 133 -19.89 -24.36 -43.61
CA HIS A 133 -21.09 -25.21 -43.51
C HIS A 133 -21.68 -25.17 -42.08
N GLY A 134 -22.99 -24.97 -41.99
CA GLY A 134 -23.71 -24.91 -40.73
C GLY A 134 -23.83 -23.54 -40.10
N SER A 135 -23.16 -22.52 -40.71
CA SER A 135 -23.24 -21.14 -40.22
C SER A 135 -24.61 -20.56 -40.51
N PHE A 136 -25.15 -19.81 -39.54
CA PHE A 136 -26.48 -19.22 -39.61
C PHE A 136 -26.53 -17.91 -38.86
N LEU A 137 -27.58 -17.15 -39.14
CA LEU A 137 -27.86 -15.86 -38.53
C LEU A 137 -29.35 -15.61 -38.66
N VAL A 138 -29.87 -14.69 -37.83
CA VAL A 138 -31.26 -14.28 -37.82
C VAL A 138 -31.28 -12.77 -37.87
N ARG A 139 -31.98 -12.25 -38.87
CA ARG A 139 -32.15 -10.83 -39.17
C ARG A 139 -33.61 -10.52 -39.32
N GLU A 140 -33.96 -9.23 -39.38
CA GLU A 140 -35.32 -8.74 -39.58
C GLU A 140 -35.66 -8.76 -41.07
N PRO A 145 -42.09 -7.56 -43.62
CA PRO A 145 -41.89 -6.59 -42.51
C PRO A 145 -42.39 -7.13 -41.19
N GLY A 146 -41.72 -6.76 -40.10
CA GLY A 146 -42.05 -7.20 -38.74
C GLY A 146 -41.76 -8.67 -38.45
N ASP A 147 -41.47 -9.43 -39.53
CA ASP A 147 -41.10 -10.82 -39.56
C ASP A 147 -39.56 -10.94 -39.52
N PHE A 148 -39.02 -12.17 -39.55
CA PHE A 148 -37.57 -12.39 -39.45
C PHE A 148 -37.09 -13.35 -40.48
N VAL A 149 -35.78 -13.40 -40.71
CA VAL A 149 -35.23 -14.31 -41.69
C VAL A 149 -34.12 -15.16 -41.06
N LEU A 150 -34.15 -16.48 -41.32
CA LEU A 150 -33.11 -17.40 -40.88
C LEU A 150 -32.30 -17.70 -42.13
N SER A 151 -31.06 -17.21 -42.17
CA SER A 151 -30.16 -17.39 -43.32
C SER A 151 -29.08 -18.44 -43.01
N VAL A 152 -29.07 -19.55 -43.77
CA VAL A 152 -28.15 -20.66 -43.51
C VAL A 152 -27.23 -20.96 -44.67
N ARG A 153 -25.98 -21.30 -44.36
CA ARG A 153 -25.00 -21.75 -45.34
C ARG A 153 -24.83 -23.24 -45.15
N THR A 154 -24.91 -24.01 -46.25
CA THR A 154 -24.69 -25.46 -46.25
C THR A 154 -23.83 -25.82 -47.46
N GLY A 155 -22.98 -26.84 -47.31
CA GLY A 155 -22.13 -27.32 -48.41
C GLY A 155 -20.89 -28.08 -48.00
N ASP A 156 -19.71 -27.58 -48.43
CA ASP A 156 -18.39 -28.17 -48.16
C ASP A 156 -17.30 -27.09 -48.30
N SER A 166 -21.31 -25.15 -52.31
CA SER A 166 -22.07 -24.63 -51.17
C SER A 166 -23.13 -23.59 -51.57
N LYS A 167 -24.10 -23.31 -50.67
CA LYS A 167 -25.16 -22.35 -50.93
C LYS A 167 -25.65 -21.65 -49.67
N VAL A 168 -26.52 -20.63 -49.84
CA VAL A 168 -27.19 -19.90 -48.77
C VAL A 168 -28.71 -20.03 -48.96
N THR A 169 -29.43 -20.41 -47.91
CA THR A 169 -30.89 -20.60 -47.88
C THR A 169 -31.52 -19.60 -46.90
N HIS A 170 -32.63 -18.98 -47.29
CA HIS A 170 -33.36 -18.02 -46.48
C HIS A 170 -34.74 -18.60 -46.09
N VAL A 171 -34.97 -18.75 -44.78
CA VAL A 171 -36.19 -19.32 -44.20
C VAL A 171 -36.96 -18.19 -43.50
N MET A 172 -38.21 -17.92 -43.94
CA MET A 172 -39.06 -16.85 -43.39
C MET A 172 -39.55 -17.18 -41.96
N ILE A 173 -39.49 -16.20 -41.05
CA ILE A 173 -39.93 -16.38 -39.67
C ILE A 173 -41.08 -15.43 -39.37
N ARG A 174 -42.31 -15.98 -39.42
CA ARG A 174 -43.53 -15.24 -39.15
C ARG A 174 -43.60 -14.89 -37.67
N CYS A 175 -43.95 -13.65 -37.38
CA CYS A 175 -44.24 -13.18 -36.03
C CYS A 175 -45.71 -12.86 -36.12
N GLN A 176 -46.50 -13.67 -35.40
CA GLN A 176 -47.95 -13.60 -35.32
C GLN A 176 -48.25 -13.66 -33.83
N GLU A 177 -48.92 -12.60 -33.32
CA GLU A 177 -49.32 -12.44 -31.91
C GLU A 177 -48.21 -12.67 -30.89
N LEU A 178 -46.99 -12.19 -31.19
CA LEU A 178 -45.78 -12.30 -30.35
C LEU A 178 -45.32 -13.76 -30.21
N LYS A 179 -45.60 -14.57 -31.25
CA LYS A 179 -45.20 -15.98 -31.38
C LYS A 179 -44.52 -16.16 -32.75
N TYR A 180 -43.48 -17.00 -32.78
CA TYR A 180 -42.62 -17.22 -33.94
C TYR A 180 -42.77 -18.60 -34.58
N ASP A 181 -42.84 -18.65 -35.92
CA ASP A 181 -42.98 -19.88 -36.71
C ASP A 181 -42.39 -19.77 -38.12
N VAL A 182 -42.15 -20.92 -38.74
CA VAL A 182 -41.59 -21.04 -40.09
C VAL A 182 -42.66 -21.38 -41.17
N GLY A 183 -43.91 -21.03 -40.91
CA GLY A 183 -45.02 -21.25 -41.84
C GLY A 183 -45.94 -22.42 -41.52
N GLY A 184 -45.49 -23.30 -40.62
CA GLY A 184 -46.22 -24.47 -40.18
C GLY A 184 -45.61 -25.09 -38.94
N GLY A 185 -46.38 -25.98 -38.30
CA GLY A 185 -45.97 -26.69 -37.09
C GLY A 185 -46.14 -25.90 -35.81
N GLU A 186 -45.09 -25.90 -34.97
CA GLU A 186 -45.08 -25.23 -33.68
C GLU A 186 -44.92 -23.71 -33.74
N ARG A 187 -45.63 -23.02 -32.84
CA ARG A 187 -45.57 -21.58 -32.62
C ARG A 187 -44.78 -21.36 -31.31
N PHE A 188 -43.57 -20.73 -31.41
CA PHE A 188 -42.64 -20.51 -30.29
C PHE A 188 -42.78 -19.16 -29.61
N ASP A 189 -42.48 -19.12 -28.31
CA ASP A 189 -42.57 -17.92 -27.47
C ASP A 189 -41.49 -16.88 -27.75
N SER A 190 -40.37 -17.32 -28.35
CA SER A 190 -39.24 -16.46 -28.70
C SER A 190 -38.44 -17.05 -29.87
N LEU A 191 -37.52 -16.24 -30.46
CA LEU A 191 -36.65 -16.67 -31.55
C LEU A 191 -35.67 -17.71 -31.04
N THR A 192 -35.30 -17.60 -29.76
CA THR A 192 -34.39 -18.50 -29.06
C THR A 192 -34.94 -19.93 -29.05
N ASP A 193 -36.20 -20.09 -28.59
CA ASP A 193 -36.91 -21.37 -28.56
C ASP A 193 -37.03 -21.93 -29.98
N LEU A 194 -37.32 -21.05 -30.99
CA LEU A 194 -37.38 -21.45 -32.40
C LEU A 194 -36.05 -22.01 -32.87
N VAL A 195 -34.95 -21.24 -32.70
CA VAL A 195 -33.58 -21.57 -33.13
C VAL A 195 -33.09 -22.85 -32.49
N GLU A 196 -33.23 -22.99 -31.14
CA GLU A 196 -32.85 -24.17 -30.34
C GLU A 196 -33.60 -25.40 -30.85
N HIS A 197 -34.93 -25.29 -31.02
CA HIS A 197 -35.79 -26.34 -31.58
C HIS A 197 -35.22 -26.82 -32.94
N TYR A 198 -35.00 -25.88 -33.89
CA TYR A 198 -34.50 -26.25 -35.22
C TYR A 198 -33.00 -26.58 -35.26
N LYS A 199 -32.27 -26.44 -34.14
CA LYS A 199 -30.87 -26.84 -34.04
C LYS A 199 -30.83 -28.35 -33.77
N LYS A 200 -31.76 -28.83 -32.92
CA LYS A 200 -31.87 -30.24 -32.50
C LYS A 200 -32.56 -31.11 -33.54
N ASN A 201 -33.57 -30.56 -34.23
CA ASN A 201 -34.35 -31.22 -35.29
C ASN A 201 -34.29 -30.30 -36.55
N PRO A 202 -33.21 -30.41 -37.37
CA PRO A 202 -33.08 -29.51 -38.51
C PRO A 202 -34.14 -29.63 -39.60
N MET A 203 -34.56 -28.47 -40.14
CA MET A 203 -35.53 -28.34 -41.23
C MET A 203 -34.96 -29.02 -42.47
N VAL A 204 -35.71 -29.97 -43.06
CA VAL A 204 -35.24 -30.69 -44.24
C VAL A 204 -35.97 -30.25 -45.48
N GLU A 205 -35.21 -29.76 -46.47
CA GLU A 205 -35.71 -29.36 -47.78
C GLU A 205 -36.09 -30.65 -48.53
N THR A 206 -37.18 -30.57 -49.31
CA THR A 206 -37.81 -31.66 -50.08
C THR A 206 -36.81 -32.54 -50.90
N LEU A 207 -35.69 -31.96 -51.37
CA LEU A 207 -34.72 -32.70 -52.18
C LEU A 207 -33.45 -33.22 -51.42
N GLY A 208 -33.57 -33.46 -50.13
CA GLY A 208 -32.50 -34.06 -49.33
C GLY A 208 -31.75 -33.21 -48.34
N THR A 209 -31.39 -31.98 -48.73
CA THR A 209 -30.60 -30.98 -47.99
C THR A 209 -31.21 -30.66 -46.60
N VAL A 210 -30.44 -31.00 -45.55
CA VAL A 210 -30.74 -30.78 -44.12
C VAL A 210 -30.15 -29.40 -43.78
N LEU A 211 -31.01 -28.45 -43.33
CA LEU A 211 -30.58 -27.09 -42.96
C LEU A 211 -30.02 -27.06 -41.53
N GLN A 212 -28.78 -27.53 -41.39
CA GLN A 212 -28.10 -27.64 -40.11
C GLN A 212 -27.67 -26.28 -39.56
N LEU A 213 -28.08 -26.01 -38.32
CA LEU A 213 -27.73 -24.79 -37.60
C LEU A 213 -26.63 -25.24 -36.63
N LYS A 214 -25.38 -25.27 -37.13
CA LYS A 214 -24.17 -25.79 -36.49
C LYS A 214 -23.34 -24.79 -35.65
N GLN A 215 -23.43 -23.48 -35.94
CA GLN A 215 -22.70 -22.42 -35.23
C GLN A 215 -23.07 -21.03 -35.74
N PRO A 216 -23.27 -20.03 -34.84
CA PRO A 216 -23.60 -18.68 -35.35
C PRO A 216 -22.51 -18.14 -36.27
N LEU A 217 -22.87 -17.18 -37.15
CA LEU A 217 -21.91 -16.59 -38.06
C LEU A 217 -20.87 -15.83 -37.21
N ASN A 218 -19.56 -16.09 -37.44
CA ASN A 218 -18.50 -15.51 -36.60
C ASN A 218 -18.12 -14.11 -37.04
N THR A 219 -18.98 -13.12 -36.73
CA THR A 219 -18.75 -11.73 -37.12
C THR A 219 -17.67 -11.01 -36.33
N THR A 220 -17.39 -11.47 -35.09
CA THR A 220 -16.40 -10.80 -34.23
C THR A 220 -14.96 -11.09 -34.65
N ARG A 221 -14.73 -12.17 -35.44
CA ARG A 221 -13.41 -12.47 -36.00
C ARG A 221 -13.05 -11.42 -37.05
N ILE A 222 -11.95 -10.70 -36.83
CA ILE A 222 -11.48 -9.62 -37.71
C ILE A 222 -10.00 -9.70 -38.01
N ASN A 223 -9.59 -9.00 -39.07
CA ASN A 223 -8.19 -8.87 -39.39
C ASN A 223 -7.63 -7.83 -38.42
N ALA A 224 -6.47 -8.12 -37.80
CA ALA A 224 -5.79 -7.25 -36.84
C ALA A 224 -5.59 -5.83 -37.38
N ALA A 225 -5.11 -5.71 -38.63
CA ALA A 225 -4.83 -4.44 -39.29
C ALA A 225 -6.05 -3.49 -39.43
N GLU A 226 -7.29 -4.04 -39.35
CA GLU A 226 -8.53 -3.28 -39.44
C GLU A 226 -9.27 -3.08 -38.07
N ILE A 227 -8.56 -3.27 -36.95
CA ILE A 227 -9.09 -3.10 -35.57
C ILE A 227 -9.75 -1.69 -35.39
N GLU A 228 -9.08 -0.64 -35.90
CA GLU A 228 -9.54 0.77 -35.82
C GLU A 228 -10.90 0.97 -36.42
N SER A 229 -11.19 0.28 -37.53
CA SER A 229 -12.47 0.35 -38.20
C SER A 229 -13.58 -0.30 -37.35
N ARG A 230 -13.29 -1.46 -36.75
CA ARG A 230 -14.19 -2.18 -35.85
C ARG A 230 -14.43 -1.39 -34.55
N VAL A 231 -13.38 -0.72 -33.98
CA VAL A 231 -13.50 0.08 -32.75
C VAL A 231 -14.43 1.29 -32.99
N ARG A 232 -14.33 1.89 -34.19
CA ARG A 232 -15.18 3.01 -34.64
C ARG A 232 -16.64 2.56 -34.71
N GLU A 233 -16.94 1.40 -35.35
CA GLU A 233 -18.28 0.86 -35.47
C GLU A 233 -18.81 0.48 -34.09
N LEU A 234 -17.94 -0.10 -33.24
CA LEU A 234 -18.32 -0.49 -31.88
C LEU A 234 -18.58 0.71 -30.99
N SER A 235 -17.94 1.88 -31.26
CA SER A 235 -18.13 3.12 -30.51
C SER A 235 -19.43 3.85 -30.92
N LYS A 236 -20.05 3.46 -32.05
CA LYS A 236 -21.32 4.04 -32.54
C LYS A 236 -22.53 3.61 -31.65
N LEU A 237 -23.76 3.99 -32.03
CA LEU A 237 -24.94 3.63 -31.23
C LEU A 237 -25.66 2.37 -31.71
N GLN A 246 -24.33 1.51 -26.82
CA GLN A 246 -23.23 1.37 -27.78
C GLN A 246 -23.03 -0.07 -28.31
N GLY A 247 -22.36 -0.17 -29.48
CA GLY A 247 -22.02 -1.43 -30.13
C GLY A 247 -21.19 -2.36 -29.25
N PHE A 248 -20.28 -1.78 -28.42
CA PHE A 248 -19.47 -2.46 -27.41
C PHE A 248 -20.34 -3.13 -26.36
N TRP A 249 -21.48 -2.49 -26.01
CA TRP A 249 -22.41 -3.06 -25.03
C TRP A 249 -23.09 -4.33 -25.56
N GLU A 250 -23.45 -4.36 -26.88
CA GLU A 250 -24.11 -5.53 -27.48
C GLU A 250 -23.14 -6.69 -27.62
N GLU A 251 -21.92 -6.41 -28.06
CA GLU A 251 -20.92 -7.46 -28.23
C GLU A 251 -20.55 -8.13 -26.90
N PHE A 252 -20.36 -7.35 -25.83
CA PHE A 252 -19.99 -7.85 -24.51
C PHE A 252 -21.08 -8.68 -23.86
N GLU A 253 -22.32 -8.19 -23.88
CA GLU A 253 -23.45 -8.93 -23.32
C GLU A 253 -23.74 -10.25 -24.07
N THR A 254 -23.46 -10.31 -25.38
CA THR A 254 -23.59 -11.52 -26.20
C THR A 254 -22.53 -12.56 -25.73
N LEU A 255 -21.34 -12.07 -25.31
CA LEU A 255 -20.28 -12.93 -24.74
C LEU A 255 -20.70 -13.38 -23.36
N GLN A 256 -21.29 -12.45 -22.55
CA GLN A 256 -21.77 -12.73 -21.21
C GLN A 256 -22.84 -13.82 -21.21
N GLN A 257 -23.68 -13.83 -22.26
CA GLN A 257 -24.77 -14.81 -22.44
C GLN A 257 -24.29 -16.27 -22.59
N GLN A 258 -22.99 -16.46 -22.93
CA GLN A 258 -22.34 -17.74 -23.15
C GLN A 258 -21.67 -18.27 -21.87
N GLU A 259 -21.75 -17.52 -20.75
CA GLU A 259 -21.13 -17.90 -19.47
C GLU A 259 -21.79 -19.14 -18.82
N CYS A 260 -23.12 -19.34 -19.10
CA CYS A 260 -23.87 -20.47 -18.54
CA CYS A 260 -23.95 -20.46 -18.64
C CYS A 260 -23.36 -21.82 -19.03
N LYS A 261 -22.54 -21.84 -20.09
CA LYS A 261 -21.89 -23.04 -20.65
C LYS A 261 -20.57 -23.38 -19.90
N LEU A 262 -20.17 -22.51 -18.96
CA LEU A 262 -18.89 -22.63 -18.26
C LEU A 262 -19.01 -22.94 -16.80
N LEU A 263 -20.12 -23.59 -16.40
CA LEU A 263 -20.34 -23.96 -15.00
C LEU A 263 -19.62 -25.30 -14.68
N TYR A 264 -18.27 -25.30 -14.77
CA TYR A 264 -17.46 -26.48 -14.47
C TYR A 264 -17.31 -26.68 -12.95
N SER A 265 -17.06 -27.93 -12.52
CA SER A 265 -16.93 -28.24 -11.09
C SER A 265 -15.79 -27.49 -10.43
N ARG A 266 -16.04 -27.06 -9.20
CA ARG A 266 -15.11 -26.31 -8.37
C ARG A 266 -15.17 -26.91 -6.95
N LYS A 267 -15.21 -28.28 -6.88
CA LYS A 267 -15.32 -29.07 -5.66
C LYS A 267 -14.15 -28.98 -4.71
N GLU A 268 -12.88 -29.07 -5.23
CA GLU A 268 -11.68 -29.01 -4.38
C GLU A 268 -11.63 -27.73 -3.55
N GLY A 269 -12.03 -26.61 -4.16
CA GLY A 269 -12.13 -25.31 -3.51
C GLY A 269 -13.21 -25.21 -2.44
N GLN A 270 -14.24 -26.08 -2.53
CA GLN A 270 -15.38 -26.15 -1.61
C GLN A 270 -15.09 -27.06 -0.37
N ARG A 271 -14.02 -27.92 -0.46
CA ARG A 271 -13.63 -28.81 0.63
C ARG A 271 -13.39 -28.06 1.91
N GLN A 272 -13.75 -28.67 3.07
CA GLN A 272 -13.60 -28.02 4.38
C GLN A 272 -12.18 -27.53 4.61
N GLU A 273 -11.18 -28.38 4.29
CA GLU A 273 -9.74 -28.15 4.47
C GLU A 273 -9.23 -26.96 3.65
N ASN A 274 -9.93 -26.65 2.53
CA ASN A 274 -9.58 -25.61 1.56
C ASN A 274 -10.38 -24.32 1.64
N LYS A 275 -11.39 -24.25 2.52
CA LYS A 275 -12.23 -23.06 2.64
C LYS A 275 -11.47 -21.75 2.91
N ASN A 276 -10.62 -21.70 3.95
CA ASN A 276 -9.88 -20.48 4.32
C ASN A 276 -8.61 -20.22 3.46
N LYS A 277 -8.43 -21.01 2.38
CA LYS A 277 -7.33 -20.84 1.41
C LYS A 277 -7.86 -19.97 0.26
N ASN A 278 -9.13 -19.55 0.37
CA ASN A 278 -9.78 -18.70 -0.62
C ASN A 278 -10.07 -17.33 -0.05
N ARG A 279 -9.70 -16.28 -0.80
CA ARG A 279 -9.89 -14.87 -0.50
C ARG A 279 -11.38 -14.57 -0.53
N TYR A 280 -12.08 -15.16 -1.48
CA TYR A 280 -13.53 -15.04 -1.63
C TYR A 280 -14.06 -16.44 -1.74
N LYS A 281 -14.84 -16.84 -0.72
CA LYS A 281 -15.47 -18.15 -0.51
C LYS A 281 -16.07 -18.78 -1.79
N ASN A 282 -16.72 -17.97 -2.62
CA ASN A 282 -17.41 -18.41 -3.85
C ASN A 282 -16.64 -18.20 -5.17
N ILE A 283 -15.41 -17.65 -5.12
CA ILE A 283 -14.60 -17.46 -6.34
C ILE A 283 -13.55 -18.52 -6.21
N LEU A 284 -13.77 -19.64 -6.92
CA LEU A 284 -12.97 -20.84 -6.82
C LEU A 284 -12.33 -21.29 -8.13
N PRO A 285 -11.24 -22.09 -8.04
CA PRO A 285 -10.64 -22.59 -9.27
C PRO A 285 -11.43 -23.80 -9.79
N PHE A 286 -11.49 -23.98 -11.14
CA PHE A 286 -12.14 -25.16 -11.73
C PHE A 286 -11.19 -26.33 -11.38
N ASP A 287 -11.74 -27.52 -11.12
CA ASP A 287 -10.95 -28.67 -10.74
C ASP A 287 -10.07 -29.14 -11.89
N HIS A 288 -10.59 -29.07 -13.14
CA HIS A 288 -9.90 -29.57 -14.34
C HIS A 288 -8.67 -28.75 -14.72
N THR A 289 -8.54 -27.48 -14.25
CA THR A 289 -7.38 -26.63 -14.59
C THR A 289 -6.58 -26.12 -13.37
N ARG A 290 -7.04 -26.45 -12.14
CA ARG A 290 -6.38 -26.00 -10.92
C ARG A 290 -4.93 -26.48 -10.83
N VAL A 291 -4.09 -25.62 -10.25
CA VAL A 291 -2.69 -25.97 -10.04
C VAL A 291 -2.67 -26.95 -8.81
N VAL A 292 -2.22 -28.22 -9.02
CA VAL A 292 -2.09 -29.28 -8.01
C VAL A 292 -0.68 -29.20 -7.41
N LEU A 293 -0.60 -29.09 -6.09
CA LEU A 293 0.70 -28.97 -5.43
C LEU A 293 1.17 -30.31 -4.91
N HIS A 294 2.37 -30.72 -5.32
CA HIS A 294 2.99 -31.99 -4.92
C HIS A 294 4.14 -31.66 -3.97
N SER A 303 -3.10 -30.46 1.54
CA SER A 303 -1.73 -30.06 1.17
C SER A 303 -1.51 -29.71 -0.33
N ASP A 304 -2.44 -30.10 -1.22
CA ASP A 304 -2.32 -29.92 -2.68
C ASP A 304 -3.13 -28.74 -3.27
N TYR A 305 -3.70 -27.92 -2.41
CA TYR A 305 -4.52 -26.82 -2.88
C TYR A 305 -3.91 -25.44 -2.84
N ILE A 306 -4.20 -24.67 -3.91
CA ILE A 306 -3.99 -23.24 -4.11
C ILE A 306 -5.14 -22.72 -4.99
N ASN A 307 -5.71 -21.54 -4.67
CA ASN A 307 -6.72 -20.96 -5.56
C ASN A 307 -5.94 -20.33 -6.73
N ALA A 308 -5.67 -21.17 -7.75
CA ALA A 308 -4.91 -20.84 -8.97
C ALA A 308 -5.32 -21.80 -10.11
N ASN A 309 -5.21 -21.35 -11.35
CA ASN A 309 -5.53 -22.15 -12.53
C ASN A 309 -4.50 -21.93 -13.60
N ILE A 310 -4.13 -23.01 -14.31
CA ILE A 310 -3.23 -22.92 -15.47
C ILE A 310 -4.08 -22.38 -16.61
N ILE A 311 -3.56 -21.37 -17.34
CA ILE A 311 -4.21 -20.79 -18.53
C ILE A 311 -3.32 -21.10 -19.73
N MET A 312 -3.83 -21.92 -20.67
CA MET A 312 -3.15 -22.31 -21.90
C MET A 312 -3.79 -21.51 -23.04
N PRO A 313 -3.00 -20.71 -23.80
CA PRO A 313 -3.60 -19.91 -24.89
C PRO A 313 -3.85 -20.74 -26.14
N LYS A 326 3.48 -20.13 -24.61
CA LYS A 326 3.59 -19.38 -23.35
C LYS A 326 2.33 -19.53 -22.52
N SER A 327 2.44 -20.16 -21.33
CA SER A 327 1.34 -20.39 -20.39
C SER A 327 1.31 -19.31 -19.29
N TYR A 328 0.20 -19.30 -18.53
CA TYR A 328 -0.01 -18.42 -17.40
C TYR A 328 -0.59 -19.16 -16.25
N ILE A 329 -0.39 -18.62 -15.06
CA ILE A 329 -1.07 -19.09 -13.88
C ILE A 329 -1.88 -17.90 -13.46
N ALA A 330 -3.20 -18.06 -13.40
CA ALA A 330 -4.08 -17.02 -12.93
C ALA A 330 -4.37 -17.35 -11.46
N THR A 331 -4.01 -16.45 -10.57
CA THR A 331 -4.22 -16.68 -9.14
C THR A 331 -4.70 -15.43 -8.44
N GLN A 332 -5.11 -15.59 -7.18
CA GLN A 332 -5.58 -14.53 -6.32
C GLN A 332 -4.36 -13.95 -5.58
N GLY A 333 -4.58 -12.80 -4.97
CA GLY A 333 -3.61 -12.18 -4.07
C GLY A 333 -3.53 -13.00 -2.80
N CYS A 334 -2.30 -13.33 -2.37
CA CYS A 334 -1.99 -14.11 -1.17
C CYS A 334 -2.70 -13.65 0.07
N LEU A 335 -3.04 -14.62 0.90
CA LEU A 335 -3.56 -14.46 2.26
C LEU A 335 -2.38 -14.85 3.15
N GLN A 336 -2.38 -14.41 4.44
CA GLN A 336 -1.31 -14.74 5.39
C GLN A 336 -1.01 -16.24 5.39
N ASN A 337 -2.08 -17.08 5.41
CA ASN A 337 -2.01 -18.55 5.39
C ASN A 337 -1.75 -19.20 4.00
N THR A 338 -1.64 -18.43 2.90
CA THR A 338 -1.37 -19.06 1.59
C THR A 338 -0.04 -18.61 0.99
N VAL A 339 0.74 -17.73 1.68
CA VAL A 339 2.05 -17.25 1.20
C VAL A 339 3.00 -18.43 0.91
N ASN A 340 3.08 -19.39 1.85
CA ASN A 340 3.92 -20.59 1.68
C ASN A 340 3.41 -21.46 0.52
N ASP A 341 2.06 -21.50 0.27
CA ASP A 341 1.51 -22.28 -0.84
C ASP A 341 1.81 -21.59 -2.17
N PHE A 342 1.89 -20.25 -2.17
CA PHE A 342 2.25 -19.48 -3.34
C PHE A 342 3.71 -19.82 -3.82
N TRP A 343 4.69 -19.85 -2.90
CA TRP A 343 6.09 -20.11 -3.23
C TRP A 343 6.34 -21.58 -3.64
N ARG A 344 5.59 -22.52 -3.05
CA ARG A 344 5.60 -23.93 -3.47
C ARG A 344 5.17 -24.05 -4.94
N MET A 345 4.12 -23.31 -5.33
CA MET A 345 3.59 -23.27 -6.69
C MET A 345 4.60 -22.66 -7.67
N VAL A 346 5.17 -21.50 -7.35
CA VAL A 346 6.18 -20.83 -8.21
C VAL A 346 7.35 -21.75 -8.47
N PHE A 347 7.84 -22.43 -7.40
CA PHE A 347 8.95 -23.38 -7.48
C PHE A 347 8.62 -24.59 -8.39
N GLN A 348 7.54 -25.32 -8.06
CA GLN A 348 7.06 -26.47 -8.81
C GLN A 348 6.79 -26.19 -10.30
N GLU A 349 6.14 -25.08 -10.58
CA GLU A 349 5.80 -24.71 -11.95
C GLU A 349 6.98 -24.16 -12.75
N ASN A 350 8.08 -23.83 -12.05
CA ASN A 350 9.32 -23.30 -12.61
C ASN A 350 9.12 -21.91 -13.17
N SER A 351 8.10 -21.19 -12.67
CA SER A 351 7.72 -19.83 -13.09
C SER A 351 8.87 -18.84 -12.77
N ARG A 352 9.22 -17.98 -13.73
CA ARG A 352 10.35 -17.04 -13.54
C ARG A 352 9.93 -15.58 -13.51
N VAL A 353 8.64 -15.32 -13.74
CA VAL A 353 8.02 -13.98 -13.82
C VAL A 353 6.66 -14.02 -13.13
N ILE A 354 6.40 -13.02 -12.28
CA ILE A 354 5.14 -12.81 -11.57
C ILE A 354 4.67 -11.41 -11.97
N VAL A 355 3.38 -11.28 -12.31
CA VAL A 355 2.73 -10.01 -12.67
C VAL A 355 1.71 -9.68 -11.60
N MET A 356 2.00 -8.64 -10.78
CA MET A 356 1.06 -8.19 -9.74
C MET A 356 0.34 -6.95 -10.27
N THR A 357 -0.97 -6.99 -10.32
CA THR A 357 -1.74 -5.87 -10.90
C THR A 357 -2.65 -5.21 -9.85
N THR A 358 -2.16 -5.13 -8.63
CA THR A 358 -2.85 -4.47 -7.52
C THR A 358 -1.82 -3.93 -6.52
N LYS A 359 -2.20 -2.88 -5.79
CA LYS A 359 -1.45 -2.34 -4.67
C LYS A 359 -1.75 -3.35 -3.54
N GLU A 360 -0.97 -3.36 -2.46
CA GLU A 360 -1.26 -4.28 -1.34
C GLU A 360 -2.57 -3.90 -0.67
N VAL A 361 -2.86 -2.60 -0.66
CA VAL A 361 -4.05 -2.00 -0.05
C VAL A 361 -4.65 -1.00 -1.02
N GLU A 362 -5.96 -1.11 -1.24
CA GLU A 362 -6.74 -0.20 -2.09
C GLU A 362 -8.02 0.16 -1.34
N ARG A 363 -8.33 1.45 -1.23
CA ARG A 363 -9.51 1.96 -0.50
C ARG A 363 -9.65 1.41 0.94
N GLY A 364 -8.52 1.22 1.62
CA GLY A 364 -8.48 0.75 3.00
C GLY A 364 -8.69 -0.74 3.19
N LYS A 365 -8.64 -1.49 2.09
CA LYS A 365 -8.83 -2.94 2.14
C LYS A 365 -7.60 -3.64 1.58
N SER A 366 -7.14 -4.68 2.27
CA SER A 366 -5.99 -5.53 1.91
C SER A 366 -6.38 -6.43 0.73
N LYS A 367 -5.73 -6.23 -0.41
CA LYS A 367 -5.96 -6.95 -1.65
C LYS A 367 -5.02 -8.14 -1.84
N CYS A 368 -3.86 -8.12 -1.19
CA CYS A 368 -2.81 -9.14 -1.31
C CYS A 368 -1.82 -8.83 -0.20
N VAL A 369 -1.36 -9.85 0.52
CA VAL A 369 -0.38 -9.62 1.58
C VAL A 369 1.02 -9.48 0.93
N LYS A 370 2.01 -8.93 1.66
CA LYS A 370 3.37 -8.86 1.14
C LYS A 370 3.99 -10.27 1.21
N TYR A 371 4.16 -10.91 0.06
CA TYR A 371 4.70 -12.29 0.00
C TYR A 371 6.17 -12.32 -0.35
N TRP A 372 6.76 -11.16 -0.55
CA TRP A 372 8.17 -10.99 -0.88
C TRP A 372 8.97 -10.30 0.26
N PRO A 373 10.28 -10.59 0.45
CA PRO A 373 11.04 -9.85 1.47
C PRO A 373 11.30 -8.41 1.05
N ASP A 374 11.65 -7.55 2.03
CA ASP A 374 12.10 -6.18 1.80
C ASP A 374 13.41 -6.22 1.01
N GLU A 375 13.77 -5.14 0.29
CA GLU A 375 15.01 -5.06 -0.48
C GLU A 375 16.24 -5.45 0.38
N TYR A 376 17.07 -6.38 -0.17
CA TYR A 376 18.31 -6.97 0.38
C TYR A 376 18.08 -8.07 1.45
N ALA A 377 16.87 -8.15 2.00
CA ALA A 377 16.49 -9.12 3.03
C ALA A 377 16.29 -10.52 2.47
N LEU A 378 16.47 -11.51 3.37
CA LEU A 378 16.33 -12.93 3.12
C LEU A 378 15.27 -13.46 4.09
N LYS A 379 14.32 -14.21 3.55
CA LYS A 379 13.22 -14.77 4.33
C LYS A 379 12.97 -16.17 3.89
N GLU A 380 12.50 -17.00 4.83
CA GLU A 380 12.09 -18.38 4.58
C GLU A 380 10.58 -18.39 4.72
N TYR A 381 9.91 -19.04 3.78
CA TYR A 381 8.45 -19.22 3.75
C TYR A 381 8.31 -20.71 3.64
N GLY A 382 8.16 -21.37 4.78
CA GLY A 382 8.12 -22.83 4.86
C GLY A 382 9.44 -23.39 4.34
N VAL A 383 9.37 -24.41 3.49
CA VAL A 383 10.52 -25.07 2.85
C VAL A 383 11.20 -24.18 1.77
N MET A 384 10.62 -23.02 1.45
CA MET A 384 11.08 -22.14 0.39
C MET A 384 11.84 -20.92 0.90
N ARG A 385 12.89 -20.54 0.20
CA ARG A 385 13.73 -19.40 0.58
C ARG A 385 13.73 -18.34 -0.50
N VAL A 386 13.58 -17.09 -0.09
CA VAL A 386 13.54 -15.96 -1.03
C VAL A 386 14.38 -14.81 -0.52
N ARG A 387 15.28 -14.33 -1.37
CA ARG A 387 16.06 -13.13 -1.15
C ARG A 387 15.60 -12.05 -2.15
N ASN A 388 15.26 -10.83 -1.66
CA ASN A 388 14.94 -9.72 -2.58
C ASN A 388 16.29 -9.06 -2.94
N VAL A 389 16.83 -9.39 -4.13
CA VAL A 389 18.14 -8.91 -4.60
C VAL A 389 18.16 -7.41 -4.91
N LYS A 390 17.21 -6.93 -5.70
CA LYS A 390 17.18 -5.51 -6.07
C LYS A 390 15.78 -5.08 -6.45
N GLU A 391 15.41 -3.86 -6.08
CA GLU A 391 14.13 -3.23 -6.48
C GLU A 391 14.42 -2.09 -7.48
N SER A 392 13.72 -2.06 -8.65
CA SER A 392 13.88 -1.03 -9.67
C SER A 392 12.51 -0.34 -9.91
N ALA A 393 12.36 0.94 -9.50
CA ALA A 393 11.08 1.64 -9.64
C ALA A 393 10.95 2.46 -10.92
N ALA A 394 10.05 2.01 -11.82
CA ALA A 394 9.74 2.69 -13.07
C ALA A 394 8.49 3.57 -12.80
N HIS A 395 7.96 4.23 -13.84
CA HIS A 395 6.81 5.13 -13.72
C HIS A 395 5.51 4.44 -13.23
N ASP A 396 5.05 3.40 -13.96
CA ASP A 396 3.79 2.71 -13.64
C ASP A 396 3.97 1.50 -12.78
N TYR A 397 5.21 1.04 -12.63
CA TYR A 397 5.48 -0.20 -11.92
C TYR A 397 6.81 -0.22 -11.18
N THR A 398 7.00 -1.29 -10.39
CA THR A 398 8.23 -1.60 -9.69
C THR A 398 8.65 -3.03 -10.07
N LEU A 399 9.91 -3.19 -10.41
CA LEU A 399 10.48 -4.50 -10.68
C LEU A 399 11.25 -4.99 -9.46
N ARG A 400 10.96 -6.21 -9.01
CA ARG A 400 11.71 -6.78 -7.89
C ARG A 400 12.42 -8.04 -8.36
N GLU A 401 13.75 -8.07 -8.18
CA GLU A 401 14.56 -9.26 -8.56
C GLU A 401 14.66 -10.13 -7.35
N LEU A 402 14.05 -11.31 -7.41
CA LEU A 402 14.05 -12.24 -6.29
C LEU A 402 14.86 -13.53 -6.61
N LYS A 403 15.41 -14.20 -5.59
CA LYS A 403 16.12 -15.49 -5.73
C LYS A 403 15.34 -16.52 -4.91
N LEU A 404 14.76 -17.54 -5.57
CA LEU A 404 13.98 -18.57 -4.90
C LEU A 404 14.76 -19.87 -4.88
N SER A 405 14.77 -20.56 -3.75
CA SER A 405 15.45 -21.83 -3.61
C SER A 405 14.73 -22.70 -2.58
N LYS A 406 15.02 -24.02 -2.60
CA LYS A 406 14.49 -24.93 -1.61
C LYS A 406 15.49 -24.97 -0.44
N VAL A 407 14.98 -24.78 0.79
CA VAL A 407 15.76 -24.85 2.03
C VAL A 407 16.40 -26.26 2.06
N GLY A 408 17.73 -26.31 2.18
CA GLY A 408 18.49 -27.56 2.21
C GLY A 408 19.04 -28.05 0.88
N GLN A 409 18.81 -27.31 -0.23
CA GLN A 409 19.27 -27.69 -1.57
C GLN A 409 19.75 -26.45 -2.35
N GLY A 410 21.06 -26.19 -2.26
CA GLY A 410 21.72 -25.05 -2.90
C GLY A 410 21.60 -24.97 -4.41
N ASN A 411 21.48 -26.14 -5.06
CA ASN A 411 21.38 -26.27 -6.51
C ASN A 411 20.02 -25.86 -7.12
N THR A 412 18.97 -25.69 -6.31
CA THR A 412 17.62 -25.37 -6.77
C THR A 412 17.34 -23.89 -7.03
N GLU A 413 18.29 -23.01 -6.72
CA GLU A 413 18.20 -21.57 -6.86
C GLU A 413 17.88 -21.11 -8.29
N ARG A 414 16.93 -20.17 -8.42
CA ARG A 414 16.58 -19.52 -9.68
C ARG A 414 16.05 -18.14 -9.39
N THR A 415 16.20 -17.22 -10.33
CA THR A 415 15.73 -15.84 -10.23
C THR A 415 14.28 -15.74 -10.64
N VAL A 416 13.50 -15.00 -9.84
CA VAL A 416 12.08 -14.75 -10.11
C VAL A 416 11.92 -13.26 -10.21
N TRP A 417 11.53 -12.81 -11.39
CA TRP A 417 11.31 -11.37 -11.65
C TRP A 417 9.87 -11.03 -11.35
N GLN A 418 9.64 -10.16 -10.38
CA GLN A 418 8.30 -9.75 -9.98
C GLN A 418 8.00 -8.37 -10.56
N TYR A 419 6.99 -8.30 -11.41
CA TYR A 419 6.53 -7.04 -12.04
C TYR A 419 5.28 -6.53 -11.34
N HIS A 420 5.47 -5.52 -10.51
CA HIS A 420 4.36 -4.97 -9.74
C HIS A 420 3.75 -3.67 -10.38
N PHE A 421 2.63 -3.79 -11.10
CA PHE A 421 1.96 -2.60 -11.67
C PHE A 421 1.27 -1.89 -10.50
N ARG A 422 1.64 -0.63 -10.26
CA ARG A 422 1.14 0.12 -9.10
C ARG A 422 0.13 1.23 -9.37
N THR A 423 -0.11 1.58 -10.65
CA THR A 423 -0.93 2.75 -10.98
C THR A 423 -2.33 2.47 -11.55
N TRP A 424 -2.79 1.18 -11.56
CA TRP A 424 -4.13 0.85 -12.07
C TRP A 424 -5.21 1.56 -11.17
N PRO A 425 -6.23 2.26 -11.73
CA PRO A 425 -7.20 2.96 -10.88
C PRO A 425 -7.98 2.03 -9.96
N ASP A 426 -8.39 2.52 -8.77
CA ASP A 426 -9.14 1.73 -7.77
C ASP A 426 -10.42 1.11 -8.34
N HIS A 427 -11.12 1.89 -9.21
CA HIS A 427 -12.35 1.53 -9.93
C HIS A 427 -12.18 1.82 -11.40
N GLY A 428 -12.63 0.89 -12.23
CA GLY A 428 -12.57 1.03 -13.68
C GLY A 428 -11.23 0.62 -14.26
N VAL A 429 -10.87 1.22 -15.41
CA VAL A 429 -9.62 0.88 -16.12
C VAL A 429 -8.79 2.16 -16.42
N PRO A 430 -7.46 2.09 -16.69
CA PRO A 430 -6.74 3.32 -17.06
C PRO A 430 -7.38 3.97 -18.30
N SER A 431 -7.42 5.33 -18.33
CA SER A 431 -7.99 6.10 -19.46
C SER A 431 -7.24 5.89 -20.80
N ASP A 432 -5.94 5.50 -20.75
CA ASP A 432 -5.04 5.30 -21.88
C ASP A 432 -4.25 3.99 -21.68
N PRO A 433 -4.10 3.12 -22.73
CA PRO A 433 -3.40 1.84 -22.55
C PRO A 433 -1.87 1.83 -22.61
N GLY A 434 -1.24 2.94 -22.97
CA GLY A 434 0.22 3.08 -23.10
C GLY A 434 1.07 2.48 -21.99
N GLY A 435 0.73 2.82 -20.75
CA GLY A 435 1.44 2.33 -19.55
C GLY A 435 1.40 0.82 -19.43
N VAL A 436 0.18 0.25 -19.57
CA VAL A 436 -0.06 -1.20 -19.53
C VAL A 436 0.72 -1.93 -20.66
N LEU A 437 0.69 -1.38 -21.92
CA LEU A 437 1.41 -1.99 -23.05
C LEU A 437 2.90 -2.05 -22.86
N ASP A 438 3.51 -0.94 -22.40
CA ASP A 438 4.95 -0.84 -22.13
C ASP A 438 5.40 -1.86 -21.08
N PHE A 439 4.61 -1.98 -20.00
CA PHE A 439 4.77 -2.96 -18.92
C PHE A 439 4.68 -4.39 -19.49
N LEU A 440 3.63 -4.71 -20.27
CA LEU A 440 3.48 -6.02 -20.91
C LEU A 440 4.64 -6.36 -21.82
N GLU A 441 5.16 -5.37 -22.59
CA GLU A 441 6.32 -5.54 -23.45
C GLU A 441 7.55 -6.00 -22.67
N GLU A 442 7.87 -5.34 -21.54
CA GLU A 442 8.99 -5.69 -20.68
C GLU A 442 8.84 -7.10 -20.09
N VAL A 443 7.61 -7.43 -19.68
CA VAL A 443 7.28 -8.74 -19.10
C VAL A 443 7.51 -9.79 -20.16
N HIS A 444 7.05 -9.51 -21.39
CA HIS A 444 7.23 -10.42 -22.50
C HIS A 444 8.70 -10.67 -22.79
N HIS A 445 9.50 -9.60 -22.92
CA HIS A 445 10.91 -9.73 -23.20
C HIS A 445 11.67 -10.46 -22.11
N LYS A 446 11.32 -10.24 -20.81
CA LYS A 446 11.96 -11.01 -19.73
C LYS A 446 11.66 -12.48 -19.86
N GLN A 447 10.36 -12.84 -20.01
CA GLN A 447 9.94 -14.25 -20.15
C GLN A 447 10.71 -14.92 -21.31
N GLU A 448 10.78 -14.25 -22.48
CA GLU A 448 11.48 -14.70 -23.69
C GLU A 448 12.98 -14.98 -23.52
N SER A 449 13.71 -14.14 -22.77
CA SER A 449 15.16 -14.29 -22.53
C SER A 449 15.54 -15.50 -21.62
N ILE A 450 14.56 -16.05 -20.85
CA ILE A 450 14.78 -17.12 -19.90
C ILE A 450 14.46 -18.47 -20.54
N MET A 451 15.51 -19.28 -20.73
CA MET A 451 15.48 -20.62 -21.31
C MET A 451 14.63 -21.52 -20.44
N ASP A 452 13.67 -22.25 -21.03
CA ASP A 452 12.80 -23.24 -20.39
C ASP A 452 11.99 -22.73 -19.16
N ALA A 453 11.68 -21.41 -19.11
CA ALA A 453 10.89 -20.81 -18.03
C ALA A 453 9.48 -21.42 -18.00
N GLY A 454 8.88 -21.48 -16.81
CA GLY A 454 7.53 -22.01 -16.62
C GLY A 454 6.47 -20.96 -16.89
N PRO A 455 5.19 -21.24 -16.58
CA PRO A 455 4.14 -20.24 -16.85
C PRO A 455 4.31 -18.91 -16.11
N VAL A 456 3.91 -17.80 -16.74
CA VAL A 456 3.99 -16.50 -16.06
C VAL A 456 2.87 -16.49 -15.03
N VAL A 457 3.18 -16.13 -13.75
CA VAL A 457 2.17 -16.02 -12.71
C VAL A 457 1.53 -14.61 -12.80
N VAL A 458 0.19 -14.53 -12.89
CA VAL A 458 -0.49 -13.23 -12.97
C VAL A 458 -1.54 -13.19 -11.83
N HIS A 459 -1.57 -12.10 -11.04
CA HIS A 459 -2.55 -11.94 -9.96
C HIS A 459 -2.91 -10.53 -9.66
N CYS A 460 -4.07 -10.35 -9.03
CA CYS A 460 -4.61 -9.10 -8.49
C CYS A 460 -5.27 -9.48 -7.13
N SER A 461 -6.54 -9.09 -6.86
CA SER A 461 -7.19 -9.47 -5.61
C SER A 461 -7.81 -10.88 -5.74
N ALA A 462 -8.94 -11.00 -6.48
CA ALA A 462 -9.66 -12.28 -6.70
C ALA A 462 -8.99 -13.10 -7.80
N GLY A 463 -8.22 -12.42 -8.65
CA GLY A 463 -7.47 -12.99 -9.76
C GLY A 463 -8.30 -13.35 -10.96
N ILE A 464 -9.31 -12.52 -11.29
CA ILE A 464 -10.17 -12.80 -12.44
C ILE A 464 -10.38 -11.54 -13.33
N GLY A 465 -10.50 -10.37 -12.74
CA GLY A 465 -10.79 -9.15 -13.47
C GLY A 465 -9.60 -8.54 -14.17
N ARG A 466 -8.72 -7.88 -13.39
CA ARG A 466 -7.50 -7.25 -13.91
C ARG A 466 -6.55 -8.33 -14.42
N THR A 467 -6.50 -9.52 -13.73
CA THR A 467 -5.72 -10.68 -14.15
C THR A 467 -6.16 -11.15 -15.55
N GLY A 468 -7.46 -11.38 -15.72
CA GLY A 468 -8.04 -11.83 -16.99
C GLY A 468 -7.77 -10.86 -18.11
N THR A 469 -7.98 -9.55 -17.84
CA THR A 469 -7.72 -8.44 -18.77
C THR A 469 -6.27 -8.42 -19.29
N PHE A 470 -5.27 -8.52 -18.36
CA PHE A 470 -3.83 -8.50 -18.70
C PHE A 470 -3.40 -9.70 -19.55
N ILE A 471 -3.86 -10.88 -19.17
CA ILE A 471 -3.60 -12.15 -19.84
C ILE A 471 -4.16 -12.16 -21.26
N VAL A 472 -5.42 -11.70 -21.45
CA VAL A 472 -6.11 -11.67 -22.76
C VAL A 472 -5.40 -10.69 -23.70
N ILE A 473 -5.03 -9.49 -23.20
CA ILE A 473 -4.28 -8.50 -23.97
C ILE A 473 -3.00 -9.18 -24.40
N ASP A 474 -2.28 -9.81 -23.44
CA ASP A 474 -1.02 -10.50 -23.73
C ASP A 474 -1.20 -11.57 -24.78
N ILE A 475 -2.30 -12.35 -24.71
CA ILE A 475 -2.62 -13.40 -25.70
C ILE A 475 -2.80 -12.83 -27.10
N LEU A 476 -3.55 -11.73 -27.23
CA LEU A 476 -3.84 -11.09 -28.49
C LEU A 476 -2.61 -10.39 -29.09
N ILE A 477 -1.85 -9.60 -28.28
CA ILE A 477 -0.66 -8.90 -28.77
C ILE A 477 0.42 -9.91 -29.17
N ASP A 478 0.36 -11.16 -28.64
CA ASP A 478 1.29 -12.26 -28.96
C ASP A 478 0.99 -12.89 -30.31
N ILE A 479 -0.31 -13.06 -30.67
CA ILE A 479 -0.71 -13.62 -31.97
C ILE A 479 -0.13 -12.70 -33.06
N ILE A 480 -0.23 -11.36 -32.83
CA ILE A 480 0.25 -10.30 -33.70
C ILE A 480 1.78 -10.40 -33.84
N ARG A 481 2.52 -10.61 -32.73
CA ARG A 481 3.97 -10.78 -32.69
C ARG A 481 4.45 -11.89 -33.63
N GLU A 482 3.78 -13.05 -33.55
CA GLU A 482 4.10 -14.24 -34.32
C GLU A 482 3.65 -14.11 -35.79
N LYS A 483 2.32 -14.20 -36.02
CA LYS A 483 1.69 -14.18 -37.34
C LYS A 483 1.70 -12.81 -38.06
N GLY A 484 2.18 -11.75 -37.40
CA GLY A 484 2.21 -10.41 -38.00
C GLY A 484 0.87 -9.70 -38.02
N VAL A 485 0.88 -8.43 -38.47
CA VAL A 485 -0.28 -7.54 -38.59
C VAL A 485 -1.42 -8.11 -39.49
N ASP A 486 -1.10 -9.06 -40.40
CA ASP A 486 -2.09 -9.65 -41.30
C ASP A 486 -2.50 -11.04 -40.85
N CYS A 487 -3.15 -11.06 -39.68
CA CYS A 487 -3.65 -12.24 -39.00
C CYS A 487 -5.05 -11.93 -38.50
N ASP A 488 -5.82 -12.97 -38.19
CA ASP A 488 -7.16 -12.86 -37.63
C ASP A 488 -7.10 -12.90 -36.12
N ILE A 489 -7.87 -12.00 -35.49
CA ILE A 489 -8.01 -11.92 -34.03
C ILE A 489 -9.52 -11.84 -33.73
N ASP A 490 -9.95 -12.53 -32.66
CA ASP A 490 -11.35 -12.59 -32.22
C ASP A 490 -11.34 -12.40 -30.69
N VAL A 491 -11.63 -11.17 -30.26
CA VAL A 491 -11.58 -10.76 -28.86
C VAL A 491 -12.51 -11.66 -27.99
N PRO A 492 -13.88 -11.70 -28.17
CA PRO A 492 -14.71 -12.59 -27.33
C PRO A 492 -14.42 -14.08 -27.46
N LYS A 493 -13.98 -14.59 -28.64
CA LYS A 493 -13.63 -16.02 -28.72
C LYS A 493 -12.46 -16.28 -27.77
N THR A 494 -11.50 -15.34 -27.71
CA THR A 494 -10.31 -15.43 -26.84
C THR A 494 -10.74 -15.37 -25.35
N ILE A 495 -11.62 -14.42 -24.96
CA ILE A 495 -12.11 -14.28 -23.60
C ILE A 495 -12.85 -15.56 -23.16
N GLN A 496 -13.76 -16.09 -24.02
CA GLN A 496 -14.50 -17.34 -23.79
C GLN A 496 -13.56 -18.56 -23.61
N MET A 497 -12.46 -18.65 -24.38
CA MET A 497 -11.47 -19.72 -24.26
C MET A 497 -10.70 -19.61 -22.88
N VAL A 498 -10.42 -18.36 -22.43
CA VAL A 498 -9.71 -18.13 -21.16
C VAL A 498 -10.67 -18.39 -19.96
N ARG A 499 -11.95 -18.01 -20.12
CA ARG A 499 -13.03 -18.20 -19.15
C ARG A 499 -13.41 -19.66 -18.86
N SER A 500 -13.07 -20.58 -19.78
CA SER A 500 -13.34 -22.00 -19.59
C SER A 500 -12.20 -22.61 -18.77
N GLN A 501 -11.17 -21.80 -18.49
CA GLN A 501 -10.01 -22.25 -17.71
C GLN A 501 -9.98 -21.64 -16.31
N ARG A 502 -10.74 -20.52 -16.09
CA ARG A 502 -10.93 -19.85 -14.80
C ARG A 502 -12.16 -19.00 -14.91
N SER A 503 -13.03 -19.07 -13.89
CA SER A 503 -14.31 -18.35 -13.82
C SER A 503 -14.15 -16.83 -13.91
N GLY A 504 -15.08 -16.20 -14.65
CA GLY A 504 -15.16 -14.74 -14.82
C GLY A 504 -13.92 -13.98 -15.23
N MET A 505 -13.08 -14.57 -16.10
CA MET A 505 -11.87 -13.90 -16.58
C MET A 505 -12.35 -12.78 -17.47
N VAL A 506 -11.99 -11.53 -17.14
CA VAL A 506 -12.46 -10.28 -17.75
C VAL A 506 -13.85 -10.05 -17.16
N GLN A 507 -13.94 -9.15 -16.19
CA GLN A 507 -15.15 -8.88 -15.39
C GLN A 507 -16.14 -7.84 -15.94
N THR A 508 -15.67 -6.77 -16.59
CA THR A 508 -16.59 -5.71 -17.02
C THR A 508 -16.46 -5.30 -18.48
N GLU A 509 -17.46 -4.51 -18.95
CA GLU A 509 -17.54 -3.93 -20.29
C GLU A 509 -16.41 -2.90 -20.44
N ALA A 510 -16.05 -2.19 -19.30
CA ALA A 510 -14.94 -1.23 -19.30
C ALA A 510 -13.62 -1.93 -19.58
N GLN A 511 -13.39 -3.16 -19.02
CA GLN A 511 -12.18 -3.94 -19.30
C GLN A 511 -12.20 -4.46 -20.75
N TYR A 512 -13.37 -4.92 -21.22
CA TYR A 512 -13.64 -5.43 -22.56
C TYR A 512 -13.21 -4.40 -23.62
N ARG A 513 -13.67 -3.15 -23.43
CA ARG A 513 -13.38 -1.97 -24.24
C ARG A 513 -11.88 -1.65 -24.15
N PHE A 514 -11.27 -1.82 -22.93
CA PHE A 514 -9.86 -1.58 -22.69
C PHE A 514 -8.98 -2.56 -23.46
N ILE A 515 -9.42 -3.83 -23.54
CA ILE A 515 -8.73 -4.88 -24.32
C ILE A 515 -8.68 -4.43 -25.80
N TYR A 516 -9.83 -3.92 -26.33
CA TYR A 516 -9.90 -3.45 -27.73
C TYR A 516 -8.98 -2.25 -27.95
N MET A 517 -8.98 -1.30 -26.98
CA MET A 517 -8.13 -0.11 -27.04
CA MET A 517 -8.14 -0.10 -26.99
C MET A 517 -6.67 -0.46 -26.96
N ALA A 518 -6.30 -1.45 -26.12
CA ALA A 518 -4.93 -1.92 -25.95
C ALA A 518 -4.37 -2.50 -27.23
N VAL A 519 -5.12 -3.44 -27.88
CA VAL A 519 -4.78 -4.12 -29.14
C VAL A 519 -4.64 -3.10 -30.28
N GLN A 520 -5.56 -2.11 -30.35
CA GLN A 520 -5.55 -1.00 -31.33
C GLN A 520 -4.25 -0.18 -31.19
N HIS A 521 -3.92 0.25 -29.96
CA HIS A 521 -2.72 1.04 -29.64
C HIS A 521 -1.43 0.27 -29.96
N TYR A 522 -1.39 -1.06 -29.76
CA TYR A 522 -0.21 -1.88 -30.10
C TYR A 522 0.06 -1.88 -31.64
N ILE A 523 -0.98 -2.17 -32.45
CA ILE A 523 -0.93 -2.22 -33.93
C ILE A 523 -0.54 -0.83 -34.52
N GLU A 524 -1.06 0.28 -33.94
CA GLU A 524 -0.77 1.68 -34.32
C GLU A 524 0.71 2.04 -34.20
N THR A 525 1.43 1.47 -33.21
CA THR A 525 2.85 1.74 -32.94
C THR A 525 3.80 0.64 -33.50
N LEU A 526 3.23 -0.31 -34.26
CA LEU A 526 3.95 -1.42 -34.90
C LEU A 526 4.68 -0.93 -36.16
N ARG B 5 28.85 16.67 25.78
CA ARG B 5 28.49 15.31 25.41
C ARG B 5 29.70 14.57 24.80
N ARG B 6 30.92 15.05 25.10
CA ARG B 6 32.23 14.60 24.61
C ARG B 6 32.53 13.11 24.87
N TRP B 7 31.77 12.45 25.77
CA TRP B 7 31.92 11.03 26.09
C TRP B 7 31.45 10.10 24.93
N PHE B 8 30.65 10.64 23.98
CA PHE B 8 30.24 9.81 22.85
C PHE B 8 31.26 9.89 21.69
N HIS B 9 31.84 8.74 21.34
CA HIS B 9 32.85 8.62 20.29
C HIS B 9 32.12 7.94 19.12
N PRO B 10 31.73 8.73 18.09
CA PRO B 10 30.90 8.16 17.00
C PRO B 10 31.59 7.24 15.99
N ASN B 11 32.91 7.39 15.80
CA ASN B 11 33.62 6.60 14.80
C ASN B 11 34.67 5.63 15.34
N ILE B 12 34.59 5.26 16.63
CA ILE B 12 35.53 4.36 17.29
C ILE B 12 35.05 2.88 17.31
N THR B 13 35.99 1.95 17.39
CA THR B 13 35.71 0.51 17.47
C THR B 13 35.91 0.06 18.93
N GLY B 14 35.59 -1.20 19.22
CA GLY B 14 35.74 -1.80 20.53
C GLY B 14 37.17 -1.83 21.02
N VAL B 15 38.10 -2.32 20.15
CA VAL B 15 39.54 -2.41 20.43
C VAL B 15 40.15 -1.01 20.72
N GLU B 16 39.76 0.00 19.90
CA GLU B 16 40.19 1.40 20.05
C GLU B 16 39.66 2.02 21.35
N ALA B 17 38.40 1.71 21.71
CA ALA B 17 37.75 2.19 22.93
C ALA B 17 38.48 1.62 24.14
N GLU B 18 38.81 0.31 24.06
CA GLU B 18 39.54 -0.44 25.06
C GLU B 18 40.95 0.16 25.29
N ASN B 19 41.75 0.30 24.23
CA ASN B 19 43.10 0.89 24.24
C ASN B 19 43.11 2.30 24.87
N LEU B 20 42.17 3.16 24.45
CA LEU B 20 41.99 4.54 24.91
C LEU B 20 41.70 4.64 26.43
N LEU B 21 40.83 3.77 26.94
CA LEU B 21 40.48 3.74 28.38
C LEU B 21 41.65 3.29 29.26
N LEU B 22 42.51 2.40 28.75
CA LEU B 22 43.66 1.86 29.49
C LEU B 22 44.92 2.75 29.42
N THR B 23 44.96 3.72 28.50
CA THR B 23 46.13 4.57 28.31
C THR B 23 45.84 6.07 28.56
N ARG B 24 44.60 6.52 28.33
CA ARG B 24 44.22 7.92 28.49
C ARG B 24 43.17 8.07 29.58
N GLY B 25 42.79 6.95 30.20
CA GLY B 25 41.80 6.91 31.26
C GLY B 25 42.29 6.22 32.52
N VAL B 26 41.42 6.18 33.54
CA VAL B 26 41.64 5.56 34.85
C VAL B 26 40.40 4.73 35.21
N ASP B 27 40.33 4.17 36.42
CA ASP B 27 39.18 3.42 36.88
C ASP B 27 38.05 4.40 37.09
N GLY B 28 36.88 4.09 36.55
CA GLY B 28 35.73 5.00 36.57
C GLY B 28 35.62 5.77 35.27
N SER B 29 36.61 5.67 34.38
CA SER B 29 36.58 6.31 33.07
C SER B 29 35.67 5.50 32.13
N PHE B 30 34.87 6.21 31.34
CA PHE B 30 33.94 5.57 30.41
C PHE B 30 33.79 6.35 29.12
N LEU B 31 33.11 5.74 28.15
CA LEU B 31 32.74 6.29 26.88
C LEU B 31 31.57 5.49 26.28
N ALA B 32 30.74 6.14 25.43
CA ALA B 32 29.65 5.47 24.73
C ALA B 32 29.96 5.56 23.25
N ARG B 33 29.67 4.50 22.52
CA ARG B 33 30.00 4.40 21.10
C ARG B 33 28.96 3.57 20.33
N PRO B 34 28.84 3.70 18.98
CA PRO B 34 27.89 2.84 18.24
C PRO B 34 28.41 1.41 18.24
N SER B 35 27.51 0.42 18.29
CA SER B 35 27.92 -0.99 18.26
C SER B 35 28.37 -1.35 16.83
N LYS B 36 29.50 -2.09 16.72
CA LYS B 36 30.08 -2.53 15.45
C LYS B 36 29.57 -3.92 15.07
N SER B 37 29.24 -4.73 16.07
CA SER B 37 28.69 -6.06 15.87
C SER B 37 27.19 -5.98 15.53
N ASN B 38 26.49 -4.92 16.02
CA ASN B 38 25.06 -4.73 15.77
C ASN B 38 24.71 -3.28 15.42
N PRO B 39 24.95 -2.84 14.16
CA PRO B 39 24.62 -1.45 13.80
C PRO B 39 23.17 -1.11 14.14
N GLY B 40 22.99 -0.02 14.87
CA GLY B 40 21.69 0.37 15.39
C GLY B 40 21.69 0.32 16.90
N ASP B 41 22.58 -0.49 17.48
CA ASP B 41 22.74 -0.55 18.93
C ASP B 41 23.94 0.34 19.35
N PHE B 42 24.22 0.38 20.65
CA PHE B 42 25.28 1.18 21.23
C PHE B 42 26.01 0.34 22.26
N THR B 43 27.20 0.75 22.65
CA THR B 43 28.02 0.06 23.65
C THR B 43 28.58 1.11 24.60
N LEU B 44 28.42 0.86 25.91
CA LEU B 44 28.96 1.69 26.98
C LEU B 44 30.24 0.99 27.42
N SER B 45 31.40 1.60 27.13
CA SER B 45 32.71 1.05 27.48
C SER B 45 33.22 1.75 28.75
N VAL B 46 33.35 1.00 29.85
CA VAL B 46 33.74 1.47 31.18
C VAL B 46 35.02 0.77 31.66
N ARG B 47 35.93 1.54 32.31
CA ARG B 47 37.14 0.99 32.92
C ARG B 47 36.91 0.77 34.42
N ARG B 48 37.20 -0.45 34.90
CA ARG B 48 37.06 -0.84 36.30
C ARG B 48 38.14 -1.87 36.64
N ASN B 49 38.81 -1.68 37.81
CA ASN B 49 39.91 -2.53 38.33
C ASN B 49 40.92 -2.89 37.25
N GLY B 50 41.43 -1.86 36.57
CA GLY B 50 42.42 -1.95 35.49
C GLY B 50 41.99 -2.70 34.24
N ALA B 51 40.66 -2.96 34.09
CA ALA B 51 40.10 -3.67 32.93
C ALA B 51 38.91 -2.92 32.29
N VAL B 52 38.62 -3.22 31.01
CA VAL B 52 37.55 -2.59 30.24
C VAL B 52 36.32 -3.54 30.06
N THR B 53 35.11 -3.05 30.39
CA THR B 53 33.87 -3.81 30.22
C THR B 53 32.98 -3.11 29.18
N HIS B 54 32.38 -3.91 28.29
CA HIS B 54 31.55 -3.40 27.21
C HIS B 54 30.09 -3.82 27.43
N ILE B 55 29.24 -2.86 27.84
CA ILE B 55 27.82 -3.07 28.14
C ILE B 55 26.94 -2.66 26.94
N LYS B 56 26.02 -3.55 26.53
CA LYS B 56 25.11 -3.36 25.40
C LYS B 56 23.93 -2.40 25.68
N ILE B 57 23.64 -1.50 24.72
CA ILE B 57 22.49 -0.57 24.80
C ILE B 57 21.70 -0.80 23.54
N GLN B 58 20.51 -1.40 23.64
CA GLN B 58 19.63 -1.65 22.48
C GLN B 58 18.60 -0.50 22.29
N ASN B 59 18.27 -0.21 21.03
CA ASN B 59 17.21 0.75 20.69
C ASN B 59 16.50 0.32 19.41
N THR B 60 15.42 -0.44 19.56
CA THR B 60 14.62 -0.92 18.43
C THR B 60 13.56 0.11 17.96
N GLY B 61 13.48 1.25 18.65
CA GLY B 61 12.59 2.35 18.28
C GLY B 61 11.78 2.97 19.40
N ASP B 62 11.82 2.36 20.61
CA ASP B 62 11.01 2.76 21.77
C ASP B 62 11.74 3.50 22.88
N TYR B 63 12.96 3.02 23.23
CA TYR B 63 13.77 3.58 24.32
C TYR B 63 15.18 3.00 24.25
N TYR B 64 16.13 3.60 24.98
CA TYR B 64 17.50 3.07 25.08
C TYR B 64 17.45 2.06 26.24
N ASP B 65 17.79 0.82 25.92
CA ASP B 65 17.73 -0.31 26.86
C ASP B 65 19.14 -0.79 27.20
N LEU B 66 19.60 -0.48 28.42
CA LEU B 66 20.93 -0.80 28.92
C LEU B 66 20.90 -2.17 29.60
N TYR B 67 21.65 -3.14 29.02
CA TYR B 67 21.75 -4.53 29.48
C TYR B 67 22.18 -4.58 30.95
N GLY B 68 21.29 -5.11 31.80
CA GLY B 68 21.51 -5.19 33.24
C GLY B 68 21.25 -3.90 33.99
N GLY B 69 20.76 -2.88 33.29
CA GLY B 69 20.44 -1.58 33.86
C GLY B 69 19.02 -1.18 33.56
N GLU B 70 18.75 0.15 33.45
CA GLU B 70 17.42 0.68 33.18
C GLU B 70 17.20 1.07 31.70
N LYS B 71 16.02 1.64 31.43
CA LYS B 71 15.51 2.11 30.14
C LYS B 71 15.46 3.65 30.18
N PHE B 72 15.99 4.30 29.13
CA PHE B 72 16.13 5.76 29.09
C PHE B 72 15.64 6.39 27.80
N ALA B 73 15.25 7.69 27.89
CA ALA B 73 14.79 8.53 26.76
C ALA B 73 15.92 8.95 25.80
N THR B 74 17.07 9.37 26.31
CA THR B 74 18.28 9.67 25.52
C THR B 74 19.52 9.03 26.19
N LEU B 75 20.67 9.00 25.47
CA LEU B 75 21.93 8.52 26.04
C LEU B 75 22.53 9.54 27.03
N ALA B 76 22.19 10.84 26.89
CA ALA B 76 22.65 11.89 27.81
C ALA B 76 21.96 11.74 29.17
N GLU B 77 20.64 11.38 29.18
CA GLU B 77 19.84 11.14 30.39
C GLU B 77 20.31 9.87 31.13
N LEU B 78 20.84 8.88 30.39
CA LEU B 78 21.38 7.63 30.96
C LEU B 78 22.65 8.01 31.75
N VAL B 79 23.61 8.66 31.04
CA VAL B 79 24.88 9.09 31.60
C VAL B 79 24.61 9.95 32.83
N GLN B 80 23.78 11.01 32.70
CA GLN B 80 23.45 11.89 33.82
C GLN B 80 22.91 11.11 35.03
N TYR B 81 22.00 10.16 34.81
CA TYR B 81 21.42 9.34 35.87
C TYR B 81 22.47 8.51 36.61
N TYR B 82 23.38 7.84 35.90
CA TYR B 82 24.39 7.00 36.53
C TYR B 82 25.56 7.78 37.18
N MET B 83 25.89 8.98 36.64
CA MET B 83 26.94 9.82 37.21
C MET B 83 26.47 10.61 38.47
N GLU B 84 25.17 10.52 38.83
CA GLU B 84 24.61 11.25 39.97
C GLU B 84 24.08 10.31 41.08
N GLN B 88 22.05 3.01 40.90
CA GLN B 88 23.36 2.38 40.83
C GLN B 88 23.36 1.37 39.72
N LEU B 89 24.42 1.37 38.89
CA LEU B 89 24.60 0.46 37.75
C LEU B 89 25.29 -0.84 38.19
N LYS B 90 24.72 -1.99 37.80
CA LYS B 90 25.22 -3.33 38.10
C LYS B 90 25.32 -4.12 36.80
N ILE B 97 29.73 -1.25 39.44
CA ILE B 97 30.36 -0.52 38.33
C ILE B 97 30.01 0.97 38.39
N GLU B 98 31.05 1.85 38.31
CA GLU B 98 30.85 3.30 38.42
C GLU B 98 31.24 4.13 37.18
N LEU B 99 30.34 5.04 36.77
CA LEU B 99 30.56 6.00 35.67
C LEU B 99 31.07 7.25 36.37
N LYS B 100 32.38 7.41 36.43
CA LYS B 100 33.00 8.53 37.15
C LYS B 100 33.55 9.61 36.24
N TYR B 101 34.39 9.22 35.29
CA TYR B 101 35.08 10.16 34.42
C TYR B 101 34.74 10.02 32.97
N PRO B 102 34.06 11.01 32.35
CA PRO B 102 33.82 10.94 30.91
C PRO B 102 35.17 11.01 30.18
N LEU B 103 35.39 10.10 29.22
CA LEU B 103 36.62 10.12 28.43
C LEU B 103 36.23 10.81 27.14
N ASN B 104 36.72 12.04 26.97
CA ASN B 104 36.35 12.93 25.86
C ASN B 104 36.86 12.48 24.52
N CYS B 105 36.07 12.81 23.50
CA CYS B 105 36.31 12.53 22.09
C CYS B 105 36.79 13.82 21.42
N ALA B 106 37.82 13.71 20.58
CA ALA B 106 38.38 14.85 19.86
C ALA B 106 37.90 14.90 18.40
N ASP B 107 37.09 13.92 17.98
CA ASP B 107 36.52 13.79 16.65
C ASP B 107 35.46 14.91 16.42
N PRO B 108 35.66 15.79 15.40
CA PRO B 108 34.68 16.84 15.15
C PRO B 108 33.51 16.44 14.24
N THR B 109 33.47 15.18 13.73
CA THR B 109 32.44 14.68 12.80
C THR B 109 30.99 15.00 13.22
N SER B 110 30.65 14.86 14.52
CA SER B 110 29.30 15.10 15.09
C SER B 110 28.95 16.57 15.40
N GLU B 111 29.81 17.53 15.01
CA GLU B 111 29.59 18.95 15.25
C GLU B 111 28.85 19.56 14.10
N ARG B 112 27.88 20.42 14.41
CA ARG B 112 27.09 21.10 13.38
C ARG B 112 27.94 21.94 12.42
N TRP B 113 29.04 22.54 12.93
CA TRP B 113 29.95 23.41 12.16
C TRP B 113 31.03 22.70 11.32
N PHE B 114 31.25 21.37 11.51
CA PHE B 114 32.28 20.61 10.79
C PHE B 114 31.82 19.99 9.46
N HIS B 115 32.43 20.46 8.32
CA HIS B 115 32.12 20.05 6.95
C HIS B 115 33.17 19.19 6.23
N GLY B 116 34.21 18.76 6.93
CA GLY B 116 35.29 17.91 6.40
C GLY B 116 35.88 18.39 5.09
N HIS B 117 35.82 17.53 4.07
CA HIS B 117 36.30 17.82 2.70
C HIS B 117 35.32 18.81 2.07
N LEU B 118 35.66 20.09 2.12
CA LEU B 118 34.87 21.18 1.57
C LEU B 118 35.81 22.26 1.06
N SER B 119 35.61 22.66 -0.22
CA SER B 119 36.40 23.71 -0.87
C SER B 119 36.12 25.08 -0.26
N GLY B 120 37.04 26.01 -0.47
CA GLY B 120 36.95 27.39 0.02
C GLY B 120 35.93 28.20 -0.74
N LYS B 121 35.77 27.90 -2.05
CA LYS B 121 34.84 28.53 -2.95
C LYS B 121 33.41 28.15 -2.54
N GLU B 122 33.12 26.85 -2.46
CA GLU B 122 31.80 26.35 -2.07
C GLU B 122 31.39 26.73 -0.63
N ALA B 123 32.37 26.95 0.29
CA ALA B 123 32.12 27.39 1.67
C ALA B 123 31.55 28.80 1.63
N GLU B 124 32.07 29.65 0.72
CA GLU B 124 31.61 31.02 0.51
C GLU B 124 30.24 31.03 -0.14
N LYS B 125 30.00 30.09 -1.08
CA LYS B 125 28.72 29.95 -1.78
C LYS B 125 27.67 29.54 -0.73
N LEU B 126 28.01 28.55 0.13
CA LEU B 126 27.17 28.11 1.25
C LEU B 126 26.89 29.27 2.21
N LEU B 127 27.93 29.96 2.72
CA LEU B 127 27.77 31.10 3.63
C LEU B 127 27.01 32.30 3.02
N THR B 128 27.17 32.54 1.71
CA THR B 128 26.47 33.63 1.02
C THR B 128 24.99 33.29 0.79
N GLU B 129 24.71 32.02 0.41
CA GLU B 129 23.37 31.53 0.10
C GLU B 129 22.56 31.10 1.30
N LYS B 130 23.21 30.61 2.36
CA LYS B 130 22.50 30.08 3.52
C LYS B 130 22.79 30.77 4.86
N GLY B 131 23.88 31.54 4.94
CA GLY B 131 24.30 32.22 6.17
C GLY B 131 23.88 33.66 6.40
N LYS B 132 24.01 34.09 7.68
CA LYS B 132 23.75 35.43 8.22
C LYS B 132 24.95 35.86 9.11
N HIS B 133 24.86 36.99 9.83
CA HIS B 133 25.96 37.44 10.69
C HIS B 133 26.17 36.47 11.85
N GLY B 134 27.40 35.99 11.97
CA GLY B 134 27.81 35.03 12.99
C GLY B 134 27.89 33.58 12.53
N SER B 135 27.39 33.30 11.30
CA SER B 135 27.40 31.95 10.70
C SER B 135 28.82 31.51 10.41
N PHE B 136 29.15 30.29 10.77
CA PHE B 136 30.52 29.81 10.60
C PHE B 136 30.54 28.34 10.30
N LEU B 137 31.69 27.86 9.82
CA LEU B 137 31.96 26.48 9.53
C LEU B 137 33.47 26.21 9.66
N VAL B 138 33.85 24.93 9.77
CA VAL B 138 35.23 24.47 9.82
C VAL B 138 35.33 23.37 8.76
N ARG B 139 36.30 23.52 7.87
CA ARG B 139 36.55 22.57 6.78
C ARG B 139 38.03 22.24 6.75
N GLU B 140 38.39 21.12 6.09
CA GLU B 140 39.78 20.70 5.90
C GLU B 140 40.48 21.69 4.95
N PRO B 145 47.06 21.52 3.71
CA PRO B 145 46.95 20.06 3.58
C PRO B 145 47.27 19.38 4.91
N GLY B 146 46.24 18.85 5.55
CA GLY B 146 46.30 18.25 6.87
C GLY B 146 45.89 19.24 7.94
N ASP B 147 45.69 20.49 7.52
CA ASP B 147 45.27 21.65 8.31
C ASP B 147 43.75 21.96 8.13
N PHE B 148 43.26 22.99 8.81
CA PHE B 148 41.84 23.33 8.75
C PHE B 148 41.61 24.81 8.51
N VAL B 149 40.35 25.19 8.15
CA VAL B 149 39.96 26.59 7.88
C VAL B 149 38.64 26.95 8.57
N LEU B 150 38.62 28.05 9.34
CA LEU B 150 37.40 28.57 9.98
C LEU B 150 36.88 29.71 9.09
N SER B 151 35.71 29.49 8.44
CA SER B 151 35.10 30.47 7.54
C SER B 151 33.89 31.13 8.20
N VAL B 152 34.03 32.42 8.51
CA VAL B 152 33.00 33.18 9.22
C VAL B 152 32.41 34.30 8.37
N ARG B 153 31.08 34.44 8.47
CA ARG B 153 30.27 35.46 7.82
C ARG B 153 30.07 36.54 8.89
N THR B 154 30.15 37.84 8.51
CA THR B 154 29.96 38.96 9.44
C THR B 154 28.93 39.96 8.92
N SER B 166 28.33 43.05 4.46
CA SER B 166 28.64 41.68 4.88
C SER B 166 29.81 41.06 4.11
N LYS B 167 30.61 40.20 4.77
CA LYS B 167 31.79 39.55 4.18
C LYS B 167 32.07 38.12 4.74
N VAL B 168 32.93 37.36 4.03
CA VAL B 168 33.38 36.03 4.47
C VAL B 168 34.89 36.07 4.74
N THR B 169 35.27 35.99 6.04
CA THR B 169 36.65 35.95 6.49
C THR B 169 37.02 34.48 6.74
N HIS B 170 38.23 34.10 6.32
CA HIS B 170 38.76 32.76 6.52
C HIS B 170 39.95 32.88 7.47
N VAL B 171 40.03 31.99 8.46
CA VAL B 171 41.09 31.93 9.46
C VAL B 171 41.71 30.52 9.34
N MET B 172 43.01 30.44 9.11
CA MET B 172 43.69 29.14 8.98
C MET B 172 43.91 28.53 10.35
N ILE B 173 43.79 27.21 10.43
CA ILE B 173 43.98 26.44 11.66
C ILE B 173 45.04 25.43 11.35
N ARG B 174 46.19 25.53 12.02
CA ARG B 174 47.21 24.52 11.77
C ARG B 174 47.16 23.42 12.79
N CYS B 175 47.43 22.21 12.33
CA CYS B 175 47.48 21.03 13.16
C CYS B 175 48.95 20.68 13.28
N GLN B 176 49.49 20.84 14.49
CA GLN B 176 50.88 20.56 14.78
C GLN B 176 50.93 19.67 16.00
N GLU B 177 51.55 18.50 15.85
CA GLU B 177 51.70 17.49 16.89
C GLU B 177 50.39 17.21 17.66
N LEU B 178 49.34 16.81 16.92
CA LEU B 178 48.00 16.46 17.42
C LEU B 178 47.25 17.64 18.10
N LYS B 179 47.79 18.88 18.01
CA LYS B 179 47.19 20.10 18.57
C LYS B 179 46.84 21.10 17.46
N TYR B 180 45.79 21.91 17.69
CA TYR B 180 45.27 22.90 16.74
C TYR B 180 45.48 24.33 17.24
N ASP B 181 45.82 25.27 16.32
CA ASP B 181 46.00 26.69 16.65
C ASP B 181 45.68 27.66 15.48
N VAL B 182 45.47 28.95 15.78
CA VAL B 182 45.17 29.97 14.76
C VAL B 182 46.42 30.87 14.46
N GLY B 183 47.62 30.27 14.59
CA GLY B 183 48.89 30.93 14.32
C GLY B 183 49.67 31.38 15.54
N GLY B 184 48.99 31.54 16.67
CA GLY B 184 49.59 31.96 17.93
C GLY B 184 48.69 31.77 19.14
N GLY B 185 49.30 31.83 20.31
CA GLY B 185 48.64 31.69 21.61
C GLY B 185 48.42 30.26 22.02
N GLU B 186 47.20 29.97 22.49
CA GLU B 186 46.73 28.64 22.96
C GLU B 186 46.79 27.54 21.90
N ARG B 187 47.11 26.33 22.33
CA ARG B 187 47.16 25.16 21.48
C ARG B 187 46.15 24.15 22.04
N PHE B 188 45.14 23.81 21.23
CA PHE B 188 44.02 22.95 21.64
C PHE B 188 44.16 21.46 21.27
N ASP B 189 43.55 20.58 22.08
CA ASP B 189 43.56 19.12 21.90
C ASP B 189 42.59 18.61 20.82
N SER B 190 41.61 19.46 20.43
CA SER B 190 40.58 19.18 19.45
C SER B 190 40.12 20.48 18.77
N LEU B 191 39.42 20.38 17.62
CA LEU B 191 38.82 21.55 16.95
C LEU B 191 37.69 22.10 17.81
N THR B 192 36.91 21.22 18.46
CA THR B 192 35.81 21.60 19.37
C THR B 192 36.30 22.54 20.48
N ASP B 193 37.44 22.22 21.14
CA ASP B 193 37.97 23.11 22.18
C ASP B 193 38.43 24.44 21.60
N LEU B 194 39.04 24.42 20.39
CA LEU B 194 39.44 25.61 19.65
C LEU B 194 38.21 26.49 19.35
N VAL B 195 37.13 25.87 18.83
CA VAL B 195 35.89 26.56 18.44
C VAL B 195 35.19 27.16 19.66
N GLU B 196 35.07 26.40 20.76
CA GLU B 196 34.48 26.87 22.02
C GLU B 196 35.25 28.04 22.64
N HIS B 197 36.59 28.04 22.52
CA HIS B 197 37.43 29.12 23.03
C HIS B 197 37.18 30.43 22.25
N TYR B 198 37.26 30.37 20.92
CA TYR B 198 37.09 31.51 20.03
C TYR B 198 35.64 31.95 19.88
N LYS B 199 34.70 31.18 20.47
CA LYS B 199 33.26 31.46 20.53
C LYS B 199 33.00 32.40 21.74
N LYS B 200 33.78 32.22 22.82
CA LYS B 200 33.69 32.96 24.10
C LYS B 200 34.63 34.15 24.12
N ASN B 201 35.72 34.08 23.32
CA ASN B 201 36.75 35.13 23.21
C ASN B 201 36.96 35.38 21.71
N PRO B 202 36.00 36.09 21.05
CA PRO B 202 36.12 36.28 19.60
C PRO B 202 37.40 36.96 19.14
N MET B 203 37.97 36.45 18.04
CA MET B 203 39.16 36.99 17.40
C MET B 203 38.81 38.38 16.89
N VAL B 204 39.73 39.34 17.04
CA VAL B 204 39.49 40.71 16.58
C VAL B 204 40.52 41.05 15.51
N GLU B 205 40.05 41.46 14.32
CA GLU B 205 40.88 41.85 13.17
C GLU B 205 41.59 43.18 13.45
N THR B 206 42.76 43.40 12.79
CA THR B 206 43.64 44.58 12.95
C THR B 206 42.85 45.91 12.92
N LEU B 207 41.82 46.03 12.06
CA LEU B 207 41.01 47.23 11.93
C LEU B 207 39.68 47.21 12.73
N GLY B 208 39.56 46.31 13.71
CA GLY B 208 38.42 46.25 14.61
C GLY B 208 37.31 45.22 14.42
N THR B 209 37.26 44.52 13.27
CA THR B 209 36.21 43.51 12.99
C THR B 209 36.20 42.41 14.06
N VAL B 210 35.06 42.25 14.74
CA VAL B 210 34.90 41.21 15.75
C VAL B 210 34.34 39.99 15.00
N LEU B 211 35.15 38.92 14.92
CA LEU B 211 34.79 37.67 14.27
C LEU B 211 33.95 36.78 15.22
N GLN B 212 32.68 37.16 15.41
CA GLN B 212 31.73 36.47 16.30
C GLN B 212 31.15 35.21 15.70
N LEU B 213 31.40 34.06 16.38
CA LEU B 213 30.93 32.73 15.99
C LEU B 213 29.58 32.52 16.67
N LYS B 214 28.53 33.11 16.12
CA LYS B 214 27.19 33.07 16.72
C LYS B 214 26.47 31.73 16.52
N GLN B 215 26.41 31.21 15.29
CA GLN B 215 25.73 29.94 15.02
C GLN B 215 26.34 29.13 13.88
N PRO B 216 26.37 27.77 13.94
CA PRO B 216 26.93 27.01 12.79
C PRO B 216 26.08 27.25 11.55
N LEU B 217 26.69 27.19 10.34
CA LEU B 217 25.95 27.40 9.10
C LEU B 217 24.84 26.33 8.95
N ASN B 218 23.61 26.77 8.78
CA ASN B 218 22.45 25.88 8.71
C ASN B 218 22.36 25.14 7.38
N THR B 219 23.10 24.01 7.23
CA THR B 219 23.07 23.25 5.98
C THR B 219 21.85 22.34 5.80
N THR B 220 21.15 22.02 6.91
CA THR B 220 20.03 21.08 6.89
C THR B 220 18.73 21.70 6.41
N ARG B 221 18.61 23.05 6.48
CA ARG B 221 17.44 23.77 5.98
C ARG B 221 17.46 23.72 4.45
N ILE B 222 16.43 23.10 3.87
CA ILE B 222 16.29 22.90 2.42
C ILE B 222 14.94 23.36 1.92
N ASN B 223 14.84 23.64 0.61
CA ASN B 223 13.56 23.96 0.03
C ASN B 223 12.85 22.61 -0.14
N ALA B 224 11.53 22.53 0.15
CA ALA B 224 10.78 21.26 0.08
C ALA B 224 10.91 20.50 -1.25
N ALA B 225 10.99 21.20 -2.40
CA ALA B 225 11.11 20.59 -3.73
C ALA B 225 12.47 19.90 -4.00
N GLU B 226 13.52 20.26 -3.25
CA GLU B 226 14.84 19.67 -3.41
C GLU B 226 15.09 18.49 -2.46
N ILE B 227 14.02 17.99 -1.76
CA ILE B 227 14.10 16.87 -0.83
C ILE B 227 14.65 15.61 -1.50
N GLU B 228 14.19 15.27 -2.75
CA GLU B 228 14.68 14.07 -3.45
C GLU B 228 16.19 14.11 -3.64
N SER B 229 16.72 15.26 -4.05
CA SER B 229 18.16 15.48 -4.23
C SER B 229 18.90 15.37 -2.89
N ARG B 230 18.28 15.86 -1.79
CA ARG B 230 18.86 15.79 -0.43
C ARG B 230 18.89 14.34 0.09
N VAL B 231 17.81 13.56 -0.18
CA VAL B 231 17.68 12.16 0.23
C VAL B 231 18.71 11.34 -0.54
N ARG B 232 18.95 11.68 -1.84
CA ARG B 232 19.96 11.08 -2.70
C ARG B 232 21.36 11.40 -2.15
N GLU B 233 21.61 12.68 -1.77
CA GLU B 233 22.88 13.13 -1.19
C GLU B 233 23.16 12.37 0.14
N LEU B 234 22.15 12.25 1.04
CA LEU B 234 22.30 11.53 2.33
C LEU B 234 22.39 9.99 2.14
N SER B 235 21.88 9.46 1.02
CA SER B 235 21.86 8.01 0.75
C SER B 235 23.18 7.42 0.17
N LYS B 236 24.08 8.28 -0.36
CA LYS B 236 25.34 7.85 -1.01
C LYS B 236 26.21 6.92 -0.14
N GLN B 246 27.03 6.70 5.61
CA GLN B 246 26.18 7.60 4.82
C GLN B 246 26.03 9.00 5.47
N GLY B 247 25.48 9.93 4.69
CA GLY B 247 25.18 11.29 5.12
C GLY B 247 24.06 11.35 6.13
N PHE B 248 23.12 10.37 6.10
CA PHE B 248 21.98 10.26 7.04
C PHE B 248 22.50 10.00 8.47
N TRP B 249 23.55 9.15 8.58
CA TRP B 249 24.17 8.80 9.84
C TRP B 249 24.86 10.02 10.48
N GLU B 250 25.66 10.75 9.68
CA GLU B 250 26.37 11.93 10.14
C GLU B 250 25.39 13.03 10.58
N GLU B 251 24.40 13.36 9.75
CA GLU B 251 23.39 14.36 10.10
C GLU B 251 22.61 13.96 11.39
N PHE B 252 22.25 12.66 11.54
CA PHE B 252 21.53 12.15 12.71
C PHE B 252 22.39 12.22 13.99
N GLU B 253 23.65 11.73 13.94
CA GLU B 253 24.60 11.78 15.05
C GLU B 253 25.00 13.21 15.43
N THR B 254 24.92 14.15 14.46
CA THR B 254 25.16 15.57 14.70
C THR B 254 23.93 16.16 15.48
N LEU B 255 22.71 15.64 15.17
CA LEU B 255 21.49 16.03 15.89
C LEU B 255 21.55 15.43 17.29
N GLN B 256 22.03 14.18 17.43
CA GLN B 256 22.16 13.50 18.72
C GLN B 256 23.08 14.23 19.68
N GLN B 257 24.24 14.73 19.16
CA GLN B 257 25.23 15.52 19.91
C GLN B 257 24.62 16.76 20.61
N GLN B 258 23.47 17.28 20.11
CA GLN B 258 22.74 18.43 20.64
C GLN B 258 21.78 18.10 21.80
N GLU B 259 21.66 16.83 22.20
CA GLU B 259 20.69 16.39 23.25
C GLU B 259 21.10 16.83 24.65
N CYS B 260 22.40 17.11 24.87
CA CYS B 260 22.89 17.60 26.17
C CYS B 260 22.39 19.02 26.52
N LYS B 261 21.86 19.78 25.55
CA LYS B 261 21.26 21.12 25.75
C LYS B 261 19.84 20.98 26.27
N LEU B 262 19.31 19.76 26.27
CA LEU B 262 17.93 19.48 26.64
C LEU B 262 17.79 18.67 27.95
N LEU B 263 18.74 18.82 28.88
CA LEU B 263 18.66 18.12 30.16
C LEU B 263 17.81 18.90 31.18
N TYR B 264 16.56 19.22 30.83
CA TYR B 264 15.62 19.99 31.67
C TYR B 264 15.09 19.18 32.86
N SER B 265 14.51 19.86 33.88
CA SER B 265 14.03 19.14 35.05
C SER B 265 12.78 18.30 34.77
N ARG B 266 12.69 17.16 35.47
CA ARG B 266 11.63 16.16 35.40
C ARG B 266 11.38 15.71 36.87
N LYS B 267 11.40 16.68 37.80
CA LYS B 267 11.23 16.51 39.25
C LYS B 267 9.84 16.03 39.67
N GLU B 268 8.78 16.51 39.02
CA GLU B 268 7.41 16.09 39.35
C GLU B 268 7.17 14.59 39.13
N GLY B 269 7.76 14.03 38.07
CA GLY B 269 7.69 12.59 37.78
C GLY B 269 8.53 11.73 38.71
N GLN B 270 9.48 12.36 39.40
CA GLN B 270 10.41 11.71 40.31
C GLN B 270 9.82 11.50 41.70
N ARG B 271 8.75 12.27 42.06
CA ARG B 271 8.05 12.23 43.36
C ARG B 271 7.52 10.84 43.65
N GLN B 272 7.61 10.40 44.94
CA GLN B 272 7.16 9.09 45.45
C GLN B 272 5.75 8.74 45.02
N GLU B 273 4.83 9.73 45.10
CA GLU B 273 3.41 9.60 44.78
C GLU B 273 3.17 9.36 43.30
N ASN B 274 4.15 9.75 42.46
CA ASN B 274 4.08 9.69 41.01
C ASN B 274 4.93 8.58 40.37
N LYS B 275 5.64 7.77 41.18
CA LYS B 275 6.52 6.69 40.66
C LYS B 275 5.78 5.59 39.88
N ASN B 276 4.64 5.12 40.40
CA ASN B 276 3.81 4.05 39.80
C ASN B 276 2.93 4.55 38.63
N LYS B 277 2.92 5.88 38.39
CA LYS B 277 2.17 6.52 37.30
C LYS B 277 3.02 6.59 36.02
N ASN B 278 4.22 5.97 36.08
CA ASN B 278 5.18 5.89 34.98
C ASN B 278 5.36 4.47 34.52
N ARG B 279 5.36 4.27 33.19
CA ARG B 279 5.55 2.97 32.58
C ARG B 279 7.00 2.56 32.77
N TYR B 280 7.90 3.52 32.56
CA TYR B 280 9.33 3.37 32.67
C TYR B 280 9.77 4.45 33.64
N LYS B 281 10.37 3.99 34.71
CA LYS B 281 10.90 4.70 35.87
C LYS B 281 11.61 6.01 35.52
N ASN B 282 12.50 5.96 34.52
CA ASN B 282 13.34 7.05 34.11
C ASN B 282 12.93 7.75 32.84
N ILE B 283 11.74 7.43 32.29
CA ILE B 283 11.29 8.14 31.11
C ILE B 283 10.18 9.10 31.60
N LEU B 284 10.58 10.31 31.91
CA LEU B 284 9.71 11.27 32.58
C LEU B 284 9.41 12.52 31.78
N PRO B 285 8.24 13.17 32.05
CA PRO B 285 7.92 14.41 31.34
C PRO B 285 8.66 15.60 31.93
N PHE B 286 9.06 16.58 31.09
CA PHE B 286 9.70 17.82 31.56
C PHE B 286 8.67 18.59 32.37
N ASP B 287 9.07 19.15 33.55
CA ASP B 287 8.18 19.93 34.39
C ASP B 287 7.62 21.13 33.64
N HIS B 288 8.41 21.77 32.74
CA HIS B 288 7.99 23.00 32.04
C HIS B 288 6.98 22.73 30.90
N THR B 289 6.81 21.48 30.44
CA THR B 289 5.84 21.15 29.37
C THR B 289 4.81 20.07 29.79
N ARG B 290 4.96 19.47 30.98
CA ARG B 290 4.04 18.42 31.44
C ARG B 290 2.56 18.90 31.50
N VAL B 291 1.63 17.98 31.20
CA VAL B 291 0.21 18.27 31.31
C VAL B 291 -0.15 18.27 32.83
N VAL B 292 -0.66 19.39 33.36
CA VAL B 292 -1.02 19.53 34.78
C VAL B 292 -2.55 19.30 34.96
N LEU B 293 -2.95 18.34 35.80
CA LEU B 293 -4.38 18.10 35.96
C LEU B 293 -4.93 18.88 37.17
N HIS B 294 -6.00 19.67 36.97
CA HIS B 294 -6.61 20.54 37.99
C HIS B 294 -7.93 19.97 38.52
N VAL B 302 -1.66 13.88 45.74
CA VAL B 302 -1.20 14.24 44.40
C VAL B 302 -2.18 13.69 43.37
N SER B 303 -2.94 14.58 42.73
CA SER B 303 -3.92 14.27 41.69
C SER B 303 -3.68 15.11 40.41
N ASP B 304 -2.52 15.80 40.32
CA ASP B 304 -2.20 16.67 39.19
C ASP B 304 -1.27 16.06 38.10
N TYR B 305 -0.71 14.87 38.34
CA TYR B 305 0.27 14.24 37.46
C TYR B 305 -0.26 13.24 36.43
N ILE B 306 0.44 13.25 35.28
CA ILE B 306 0.26 12.35 34.14
C ILE B 306 1.54 12.38 33.32
N ASN B 307 2.08 11.20 32.96
CA ASN B 307 3.27 11.15 32.10
C ASN B 307 2.88 11.52 30.62
N ALA B 308 2.79 12.83 30.38
CA ALA B 308 2.40 13.45 29.12
C ALA B 308 2.96 14.88 29.12
N ASN B 309 3.24 15.40 27.90
CA ASN B 309 3.72 16.75 27.64
C ASN B 309 3.00 17.41 26.49
N ILE B 310 2.77 18.73 26.58
CA ILE B 310 2.21 19.52 25.48
C ILE B 310 3.38 19.70 24.50
N ILE B 311 3.09 19.48 23.19
CA ILE B 311 4.01 19.68 22.07
C ILE B 311 3.42 20.83 21.25
N MET B 312 4.00 22.02 21.40
CA MET B 312 3.57 23.21 20.67
C MET B 312 4.63 23.57 19.62
N PRO B 313 4.35 23.37 18.32
CA PRO B 313 5.35 23.71 17.29
C PRO B 313 5.66 25.21 17.18
N LYS B 326 -2.12 24.14 15.48
CA LYS B 326 -2.38 22.77 15.94
C LYS B 326 -1.26 22.26 16.85
N SER B 327 -1.63 21.77 18.04
CA SER B 327 -0.66 21.23 18.98
C SER B 327 -0.97 19.76 19.31
N TYR B 328 -0.08 19.15 20.10
CA TYR B 328 -0.17 17.73 20.47
C TYR B 328 0.12 17.50 21.91
N ILE B 329 -0.34 16.36 22.38
CA ILE B 329 0.02 15.83 23.68
C ILE B 329 0.71 14.54 23.32
N ALA B 330 1.97 14.40 23.71
CA ALA B 330 2.75 13.19 23.52
C ALA B 330 2.72 12.51 24.88
N THR B 331 2.18 11.30 24.93
CA THR B 331 2.03 10.57 26.17
C THR B 331 2.36 9.11 26.02
N GLN B 332 2.51 8.41 27.15
CA GLN B 332 2.79 6.98 27.21
C GLN B 332 1.49 6.16 27.03
N GLY B 333 1.60 4.87 26.78
CA GLY B 333 0.42 4.01 26.76
C GLY B 333 -0.07 3.84 28.18
N CYS B 334 -1.40 3.91 28.40
CA CYS B 334 -2.05 3.83 29.74
C CYS B 334 -1.63 2.65 30.58
N LEU B 335 -1.56 2.84 31.91
CA LEU B 335 -1.39 1.75 32.87
C LEU B 335 -2.77 1.53 33.50
N GLN B 336 -2.97 0.42 34.23
CA GLN B 336 -4.25 0.16 34.87
C GLN B 336 -4.66 1.30 35.83
N ASN B 337 -3.65 1.86 36.52
CA ASN B 337 -3.82 2.93 37.50
C ASN B 337 -3.72 4.35 36.94
N THR B 338 -3.58 4.54 35.60
CA THR B 338 -3.50 5.87 34.98
C THR B 338 -4.62 6.11 33.92
N VAL B 339 -5.53 5.12 33.70
CA VAL B 339 -6.67 5.23 32.77
C VAL B 339 -7.58 6.41 33.15
N ASN B 340 -7.91 6.54 34.46
CA ASN B 340 -8.77 7.63 34.91
C ASN B 340 -8.11 8.97 34.62
N ASP B 341 -6.77 9.08 34.89
CA ASP B 341 -5.98 10.31 34.64
C ASP B 341 -5.91 10.65 33.14
N PHE B 342 -5.84 9.62 32.28
CA PHE B 342 -5.86 9.80 30.82
C PHE B 342 -7.15 10.50 30.38
N TRP B 343 -8.32 10.04 30.87
CA TRP B 343 -9.61 10.63 30.49
C TRP B 343 -9.83 12.00 31.10
N ARG B 344 -9.31 12.25 32.32
CA ARG B 344 -9.35 13.58 32.95
C ARG B 344 -8.55 14.58 32.06
N MET B 345 -7.40 14.10 31.52
CA MET B 345 -6.51 14.88 30.62
C MET B 345 -7.22 15.28 29.33
N VAL B 346 -7.76 14.28 28.59
CA VAL B 346 -8.52 14.46 27.33
C VAL B 346 -9.64 15.48 27.53
N PHE B 347 -10.40 15.35 28.64
CA PHE B 347 -11.53 16.20 28.97
C PHE B 347 -11.12 17.66 29.23
N GLN B 348 -10.13 17.89 30.13
CA GLN B 348 -9.59 19.19 30.50
C GLN B 348 -8.92 19.92 29.28
N GLU B 349 -8.15 19.17 28.49
CA GLU B 349 -7.47 19.73 27.32
C GLU B 349 -8.39 19.90 26.10
N ASN B 350 -9.65 19.45 26.20
CA ASN B 350 -10.67 19.53 25.15
C ASN B 350 -10.21 18.85 23.86
N SER B 351 -9.40 17.77 23.99
CA SER B 351 -8.90 16.96 22.89
C SER B 351 -10.08 16.21 22.25
N ARG B 352 -10.19 16.28 20.91
CA ARG B 352 -11.27 15.60 20.20
C ARG B 352 -10.74 14.46 19.32
N VAL B 353 -9.41 14.26 19.33
CA VAL B 353 -8.74 13.27 18.50
C VAL B 353 -7.62 12.57 19.28
N ILE B 354 -7.57 11.23 19.21
CA ILE B 354 -6.51 10.40 19.84
C ILE B 354 -5.86 9.56 18.75
N VAL B 355 -4.53 9.54 18.77
CA VAL B 355 -3.71 8.74 17.86
C VAL B 355 -2.97 7.70 18.67
N MET B 356 -3.32 6.44 18.47
CA MET B 356 -2.68 5.28 19.10
C MET B 356 -1.78 4.60 18.04
N THR B 357 -0.48 4.51 18.35
CA THR B 357 0.53 4.03 17.39
C THR B 357 1.12 2.68 17.77
N THR B 358 0.44 1.98 18.64
CA THR B 358 0.86 0.68 19.11
C THR B 358 -0.38 -0.22 19.21
N LYS B 359 -0.19 -1.53 19.33
CA LYS B 359 -1.25 -2.47 19.62
C LYS B 359 -1.29 -2.52 21.15
N GLU B 360 -2.28 -3.18 21.73
CA GLU B 360 -2.29 -3.33 23.18
C GLU B 360 -1.14 -4.30 23.53
N VAL B 361 -0.95 -5.34 22.69
CA VAL B 361 0.11 -6.34 22.89
C VAL B 361 0.98 -6.44 21.62
N GLU B 362 2.31 -6.49 21.83
CA GLU B 362 3.32 -6.65 20.80
C GLU B 362 4.43 -7.52 21.37
N ARG B 363 4.83 -8.58 20.61
CA ARG B 363 5.88 -9.55 20.98
C ARG B 363 5.66 -10.16 22.40
N GLY B 364 4.41 -10.52 22.67
CA GLY B 364 3.99 -11.12 23.95
C GLY B 364 4.03 -10.22 25.18
N LYS B 365 4.23 -8.90 24.97
CA LYS B 365 4.30 -7.91 26.04
C LYS B 365 3.21 -6.82 25.90
N SER B 366 2.65 -6.37 27.04
CA SER B 366 1.61 -5.32 27.15
C SER B 366 2.23 -3.93 26.99
N LYS B 367 1.73 -3.17 26.00
CA LYS B 367 2.22 -1.85 25.59
C LYS B 367 1.30 -0.69 26.01
N CYS B 368 0.00 -0.96 26.05
CA CYS B 368 -1.01 0.01 26.44
C CYS B 368 -2.21 -0.76 26.99
N VAL B 369 -2.77 -0.30 28.11
CA VAL B 369 -3.95 -0.96 28.66
C VAL B 369 -5.16 -0.47 27.82
N LYS B 370 -6.16 -1.33 27.60
CA LYS B 370 -7.37 -0.97 26.84
C LYS B 370 -8.10 0.06 27.72
N TYR B 371 -8.15 1.30 27.23
CA TYR B 371 -8.75 2.43 27.97
C TYR B 371 -10.06 2.89 27.41
N TRP B 372 -10.59 2.16 26.46
CA TRP B 372 -11.85 2.48 25.80
C TRP B 372 -12.83 1.30 25.95
N PRO B 373 -14.15 1.51 25.95
CA PRO B 373 -15.06 0.36 26.06
C PRO B 373 -15.20 -0.36 24.72
N ASP B 374 -15.77 -1.57 24.77
CA ASP B 374 -16.13 -2.36 23.58
C ASP B 374 -17.20 -1.60 22.80
N GLU B 375 -17.29 -1.82 21.47
CA GLU B 375 -18.28 -1.16 20.65
C GLU B 375 -19.66 -1.30 21.27
N TYR B 376 -20.42 -0.17 21.29
CA TYR B 376 -21.79 0.00 21.79
C TYR B 376 -21.88 0.03 23.32
N ALA B 377 -20.79 -0.31 24.02
CA ALA B 377 -20.74 -0.31 25.47
C ALA B 377 -20.45 1.09 26.03
N LEU B 378 -20.82 1.29 27.33
CA LEU B 378 -20.58 2.50 28.08
C LEU B 378 -19.80 2.12 29.34
N LYS B 379 -18.74 2.89 29.68
CA LYS B 379 -17.91 2.65 30.86
C LYS B 379 -17.64 3.93 31.58
N GLU B 380 -17.47 3.83 32.90
CA GLU B 380 -17.11 4.96 33.74
C GLU B 380 -15.71 4.74 34.23
N TYR B 381 -14.83 5.69 33.93
CA TYR B 381 -13.44 5.72 34.38
C TYR B 381 -13.38 6.90 35.33
N GLY B 382 -13.63 6.63 36.61
CA GLY B 382 -13.70 7.66 37.65
C GLY B 382 -14.89 8.56 37.39
N VAL B 383 -14.69 9.89 37.40
CA VAL B 383 -15.78 10.85 37.11
C VAL B 383 -16.05 10.98 35.59
N MET B 384 -15.24 10.33 34.76
CA MET B 384 -15.41 10.41 33.30
C MET B 384 -16.20 9.22 32.83
N ARG B 385 -17.08 9.46 31.85
CA ARG B 385 -18.02 8.48 31.27
C ARG B 385 -17.73 8.39 29.77
N VAL B 386 -17.33 7.20 29.29
CA VAL B 386 -17.04 7.02 27.87
C VAL B 386 -17.99 5.98 27.23
N ARG B 387 -18.62 6.36 26.12
CA ARG B 387 -19.49 5.55 25.28
C ARG B 387 -18.74 5.27 23.95
N ASN B 388 -18.68 4.02 23.50
CA ASN B 388 -18.06 3.65 22.20
C ASN B 388 -19.21 3.54 21.19
N VAL B 389 -19.44 4.63 20.44
CA VAL B 389 -20.52 4.82 19.48
C VAL B 389 -20.47 3.82 18.31
N LYS B 390 -19.35 3.84 17.57
CA LYS B 390 -19.12 2.99 16.41
C LYS B 390 -17.65 2.79 16.24
N GLU B 391 -17.27 1.63 15.68
CA GLU B 391 -15.93 1.26 15.28
C GLU B 391 -15.95 1.07 13.78
N SER B 392 -14.98 1.66 13.07
CA SER B 392 -14.87 1.53 11.60
C SER B 392 -13.45 1.03 11.29
N ALA B 393 -13.33 -0.18 10.79
CA ALA B 393 -12.02 -0.79 10.56
C ALA B 393 -11.55 -0.69 9.11
N ALA B 394 -10.23 -0.47 8.95
CA ALA B 394 -9.52 -0.37 7.67
C ALA B 394 -8.31 -1.29 7.79
N HIS B 395 -7.50 -1.46 6.74
CA HIS B 395 -6.34 -2.33 6.89
C HIS B 395 -5.33 -1.79 7.91
N ASP B 396 -4.82 -0.56 7.70
CA ASP B 396 -3.77 0.02 8.52
C ASP B 396 -4.24 0.49 9.87
N TYR B 397 -5.55 0.81 10.03
CA TYR B 397 -6.04 1.31 11.30
C TYR B 397 -7.50 0.97 11.59
N THR B 398 -7.95 1.23 12.83
CA THR B 398 -9.34 1.12 13.29
C THR B 398 -9.65 2.50 13.80
N LEU B 399 -10.86 3.00 13.48
CA LEU B 399 -11.34 4.27 13.98
C LEU B 399 -12.42 3.98 15.03
N ARG B 400 -12.32 4.59 16.22
CA ARG B 400 -13.32 4.39 17.27
C ARG B 400 -13.97 5.74 17.62
N GLU B 401 -15.28 5.86 17.38
CA GLU B 401 -16.00 7.09 17.71
C GLU B 401 -16.41 6.98 19.18
N LEU B 402 -15.76 7.77 20.04
CA LEU B 402 -16.02 7.74 21.48
C LEU B 402 -16.79 8.98 21.93
N LYS B 403 -17.64 8.81 22.92
CA LYS B 403 -18.44 9.90 23.47
C LYS B 403 -18.00 10.08 24.93
N LEU B 404 -17.24 11.13 25.21
CA LEU B 404 -16.72 11.48 26.52
C LEU B 404 -17.59 12.56 27.23
N SER B 405 -17.95 12.29 28.51
CA SER B 405 -18.70 13.25 29.34
C SER B 405 -18.36 13.13 30.83
N LYS B 406 -18.59 14.20 31.60
CA LYS B 406 -18.41 14.17 33.05
C LYS B 406 -19.70 13.61 33.64
N VAL B 407 -19.59 12.59 34.50
CA VAL B 407 -20.71 11.93 35.18
C VAL B 407 -21.54 12.98 36.00
N GLY B 408 -22.86 12.98 35.83
CA GLY B 408 -23.77 13.87 36.53
C GLY B 408 -23.99 15.22 35.88
N GLN B 409 -23.44 15.40 34.67
CA GLN B 409 -23.46 16.64 33.89
C GLN B 409 -23.51 16.29 32.41
N GLY B 410 -24.69 15.96 31.90
CA GLY B 410 -24.90 15.56 30.50
C GLY B 410 -24.49 16.57 29.44
N ASN B 411 -24.40 17.87 29.81
CA ASN B 411 -24.04 18.97 28.91
C ASN B 411 -22.52 19.14 28.72
N THR B 412 -21.72 18.21 29.25
CA THR B 412 -20.26 18.22 29.16
C THR B 412 -19.79 17.32 28.00
N GLU B 413 -20.72 16.61 27.36
CA GLU B 413 -20.49 15.68 26.27
C GLU B 413 -19.81 16.27 25.04
N ARG B 414 -18.89 15.48 24.45
CA ARG B 414 -18.15 15.75 23.20
C ARG B 414 -17.68 14.44 22.60
N THR B 415 -17.60 14.39 21.26
CA THR B 415 -17.10 13.20 20.58
C THR B 415 -15.58 13.27 20.54
N VAL B 416 -14.92 12.16 20.84
CA VAL B 416 -13.47 11.99 20.76
C VAL B 416 -13.26 10.89 19.73
N TRP B 417 -12.48 11.17 18.68
CA TRP B 417 -12.19 10.23 17.61
C TRP B 417 -10.85 9.57 17.88
N GLN B 418 -10.85 8.25 18.08
CA GLN B 418 -9.65 7.46 18.36
C GLN B 418 -9.18 6.68 17.14
N TYR B 419 -8.04 7.08 16.60
CA TYR B 419 -7.39 6.49 15.44
C TYR B 419 -6.29 5.54 15.94
N HIS B 420 -6.57 4.26 15.89
CA HIS B 420 -5.65 3.21 16.35
C HIS B 420 -4.87 2.57 15.17
N PHE B 421 -3.64 3.03 14.91
CA PHE B 421 -2.76 2.48 13.87
C PHE B 421 -2.26 1.12 14.32
N ARG B 422 -2.39 0.10 13.45
CA ARG B 422 -2.08 -1.28 13.83
C ARG B 422 -1.04 -1.97 12.99
N THR B 423 -0.57 -1.38 11.91
CA THR B 423 0.39 -2.06 11.04
C THR B 423 1.88 -1.65 11.23
N TRP B 424 2.20 -0.90 12.29
CA TRP B 424 3.60 -0.53 12.53
C TRP B 424 4.36 -1.79 12.91
N PRO B 425 5.51 -2.11 12.27
CA PRO B 425 6.22 -3.36 12.65
C PRO B 425 6.71 -3.37 14.11
N ASP B 426 6.84 -4.58 14.69
CA ASP B 426 7.29 -4.77 16.07
C ASP B 426 8.69 -4.20 16.30
N HIS B 427 9.58 -4.39 15.29
CA HIS B 427 10.94 -3.85 15.26
C HIS B 427 11.11 -3.00 14.01
N GLY B 428 11.89 -1.95 14.12
CA GLY B 428 12.15 -1.05 13.00
C GLY B 428 11.02 -0.10 12.66
N VAL B 429 10.95 0.27 11.37
CA VAL B 429 10.00 1.24 10.79
C VAL B 429 9.27 0.62 9.56
N PRO B 430 8.10 1.14 9.13
CA PRO B 430 7.48 0.62 7.90
C PRO B 430 8.41 0.83 6.69
N SER B 431 8.46 -0.15 5.78
CA SER B 431 9.30 -0.08 4.56
C SER B 431 8.78 0.93 3.52
N ASP B 432 7.52 1.35 3.65
CA ASP B 432 6.87 2.32 2.78
C ASP B 432 6.05 3.31 3.64
N PRO B 433 6.17 4.65 3.45
CA PRO B 433 5.39 5.59 4.29
C PRO B 433 3.92 5.82 3.92
N GLY B 434 3.46 5.20 2.83
CA GLY B 434 2.11 5.33 2.31
C GLY B 434 0.98 5.24 3.31
N GLY B 435 0.95 4.15 4.08
CA GLY B 435 -0.05 3.91 5.11
C GLY B 435 -0.05 4.98 6.19
N VAL B 436 1.16 5.31 6.68
CA VAL B 436 1.34 6.34 7.71
C VAL B 436 0.84 7.67 7.18
N LEU B 437 1.20 8.03 5.92
CA LEU B 437 0.79 9.29 5.30
C LEU B 437 -0.73 9.39 5.09
N ASP B 438 -1.37 8.30 4.62
CA ASP B 438 -2.82 8.24 4.39
C ASP B 438 -3.55 8.39 5.74
N PHE B 439 -3.04 7.68 6.77
CA PHE B 439 -3.54 7.73 8.15
C PHE B 439 -3.44 9.17 8.66
N LEU B 440 -2.27 9.82 8.54
CA LEU B 440 -2.11 11.19 9.03
C LEU B 440 -3.00 12.22 8.29
N GLU B 441 -3.25 12.04 6.97
CA GLU B 441 -4.16 12.93 6.24
C GLU B 441 -5.60 12.83 6.78
N GLU B 442 -6.07 11.61 7.09
CA GLU B 442 -7.41 11.40 7.62
C GLU B 442 -7.57 12.05 9.02
N VAL B 443 -6.55 11.82 9.88
CA VAL B 443 -6.46 12.40 11.23
C VAL B 443 -6.47 13.96 11.14
N HIS B 444 -5.73 14.55 10.20
CA HIS B 444 -5.69 16.01 10.02
C HIS B 444 -7.06 16.62 9.63
N HIS B 445 -7.75 16.02 8.63
CA HIS B 445 -9.06 16.48 8.19
C HIS B 445 -10.11 16.36 9.29
N LYS B 446 -10.08 15.29 10.12
CA LYS B 446 -10.99 15.17 11.26
C LYS B 446 -10.78 16.32 12.22
N GLN B 447 -9.54 16.51 12.71
CA GLN B 447 -9.17 17.59 13.62
C GLN B 447 -9.62 18.96 13.12
N GLU B 448 -9.29 19.26 11.86
CA GLU B 448 -9.63 20.50 11.18
C GLU B 448 -11.14 20.76 11.11
N SER B 449 -11.94 19.71 10.87
CA SER B 449 -13.38 19.83 10.80
CA SER B 449 -13.40 19.79 10.81
C SER B 449 -14.04 20.15 12.15
N ILE B 450 -13.33 19.89 13.27
CA ILE B 450 -13.88 20.13 14.62
C ILE B 450 -13.55 21.51 15.13
N MET B 451 -14.59 22.31 15.35
CA MET B 451 -14.46 23.67 15.88
C MET B 451 -14.02 23.68 17.34
N ASP B 452 -13.04 24.54 17.67
CA ASP B 452 -12.46 24.71 19.01
C ASP B 452 -11.89 23.42 19.61
N ALA B 453 -11.35 22.54 18.78
CA ALA B 453 -10.75 21.29 19.23
C ALA B 453 -9.38 21.56 19.84
N GLY B 454 -9.11 20.93 20.97
CA GLY B 454 -7.83 21.05 21.68
C GLY B 454 -6.70 20.27 21.07
N PRO B 455 -5.57 20.06 21.81
CA PRO B 455 -4.42 19.33 21.22
C PRO B 455 -4.75 17.91 20.80
N VAL B 456 -4.01 17.40 19.80
CA VAL B 456 -4.20 16.03 19.34
C VAL B 456 -3.43 15.14 20.32
N VAL B 457 -4.09 14.12 20.89
CA VAL B 457 -3.39 13.20 21.78
C VAL B 457 -2.68 12.15 20.93
N VAL B 458 -1.37 11.98 21.11
CA VAL B 458 -0.58 10.95 20.41
C VAL B 458 0.16 10.14 21.47
N HIS B 459 0.11 8.77 21.38
CA HIS B 459 0.77 7.82 22.28
C HIS B 459 1.17 6.51 21.60
N CYS B 460 2.16 5.83 22.19
CA CYS B 460 2.68 4.51 21.82
C CYS B 460 2.87 3.76 23.14
N SER B 461 4.09 3.30 23.47
CA SER B 461 4.41 2.59 24.74
C SER B 461 5.03 3.60 25.72
N ALA B 462 6.28 4.06 25.46
CA ALA B 462 6.95 5.08 26.27
C ALA B 462 6.48 6.51 25.85
N GLY B 463 5.95 6.63 24.63
CA GLY B 463 5.46 7.91 24.12
C GLY B 463 6.54 8.86 23.64
N ILE B 464 7.66 8.33 23.13
CA ILE B 464 8.75 9.17 22.62
C ILE B 464 9.21 8.75 21.20
N GLY B 465 9.29 7.45 20.94
CA GLY B 465 9.78 6.95 19.67
C GLY B 465 8.80 7.12 18.53
N ARG B 466 7.82 6.19 18.46
CA ARG B 466 6.79 6.17 17.43
C ARG B 466 5.98 7.44 17.51
N THR B 467 5.64 7.88 18.77
CA THR B 467 4.92 9.12 19.07
C THR B 467 5.67 10.31 18.46
N GLY B 468 7.00 10.33 18.66
CA GLY B 468 7.91 11.36 18.18
C GLY B 468 7.94 11.41 16.66
N THR B 469 8.06 10.24 16.02
CA THR B 469 8.12 10.07 14.57
C THR B 469 6.82 10.57 13.92
N PHE B 470 5.65 10.16 14.47
CA PHE B 470 4.34 10.57 13.96
C PHE B 470 4.12 12.08 14.02
N ILE B 471 4.43 12.68 15.19
CA ILE B 471 4.29 14.11 15.41
C ILE B 471 5.19 14.93 14.46
N VAL B 472 6.48 14.57 14.33
CA VAL B 472 7.42 15.29 13.46
C VAL B 472 6.98 15.26 11.98
N ILE B 473 6.58 14.06 11.46
CA ILE B 473 6.07 13.91 10.09
C ILE B 473 4.83 14.84 9.94
N ASP B 474 3.87 14.80 10.89
CA ASP B 474 2.64 15.63 10.88
C ASP B 474 2.96 17.12 10.85
N ILE B 475 3.96 17.55 11.66
CA ILE B 475 4.40 18.95 11.68
C ILE B 475 4.97 19.35 10.31
N LEU B 476 5.84 18.50 9.76
CA LEU B 476 6.51 18.75 8.50
C LEU B 476 5.56 18.80 7.32
N ILE B 477 4.62 17.85 7.24
CA ILE B 477 3.66 17.81 6.13
C ILE B 477 2.60 18.94 6.29
N ASP B 478 2.34 19.48 7.53
CA ASP B 478 1.38 20.60 7.72
C ASP B 478 1.94 21.91 7.16
N ILE B 479 3.29 22.10 7.26
CA ILE B 479 4.07 23.23 6.71
C ILE B 479 3.87 23.25 5.16
N ILE B 480 3.97 22.06 4.54
CA ILE B 480 3.80 21.79 3.11
C ILE B 480 2.33 21.86 2.64
N ARG B 481 1.36 21.41 3.46
CA ARG B 481 -0.06 21.45 3.09
C ARG B 481 -0.51 22.91 2.89
N GLU B 482 -0.07 23.82 3.78
CA GLU B 482 -0.38 25.25 3.76
C GLU B 482 0.48 26.10 2.78
N LYS B 483 1.78 25.78 2.61
CA LYS B 483 2.73 26.55 1.77
C LYS B 483 3.11 25.92 0.42
N GLY B 484 2.87 24.63 0.26
CA GLY B 484 3.24 23.92 -0.96
C GLY B 484 4.71 23.59 -1.02
N VAL B 485 5.20 23.16 -2.19
CA VAL B 485 6.60 22.79 -2.43
C VAL B 485 7.58 23.97 -2.27
N ASP B 486 7.07 25.23 -2.33
CA ASP B 486 7.88 26.44 -2.23
C ASP B 486 8.03 26.95 -0.79
N CYS B 487 8.57 26.10 0.09
CA CYS B 487 8.80 26.41 1.52
C CYS B 487 10.09 25.80 1.99
N ASP B 488 10.64 26.33 3.10
CA ASP B 488 11.83 25.77 3.72
C ASP B 488 11.48 24.76 4.82
N ILE B 489 12.11 23.58 4.75
CA ILE B 489 11.99 22.52 5.72
C ILE B 489 13.39 22.16 6.28
N ASP B 490 13.41 21.83 7.57
CA ASP B 490 14.62 21.48 8.30
C ASP B 490 14.26 20.38 9.30
N VAL B 491 14.48 19.11 8.91
CA VAL B 491 14.14 17.93 9.69
C VAL B 491 14.85 17.94 11.08
N PRO B 492 16.19 18.13 11.23
CA PRO B 492 16.77 18.11 12.60
C PRO B 492 16.42 19.31 13.45
N LYS B 493 16.28 20.51 12.85
CA LYS B 493 15.85 21.69 13.64
C LYS B 493 14.48 21.39 14.24
N THR B 494 13.56 20.80 13.42
CA THR B 494 12.19 20.39 13.79
C THR B 494 12.20 19.38 14.94
N ILE B 495 13.03 18.33 14.85
CA ILE B 495 13.15 17.31 15.89
C ILE B 495 13.68 17.92 17.20
N GLN B 496 14.68 18.81 17.09
CA GLN B 496 15.27 19.51 18.25
C GLN B 496 14.25 20.35 18.99
N MET B 497 13.37 21.05 18.26
CA MET B 497 12.33 21.90 18.83
C MET B 497 11.29 21.02 19.59
N VAL B 498 10.97 19.84 19.03
CA VAL B 498 10.03 18.89 19.66
C VAL B 498 10.65 18.23 20.90
N ARG B 499 11.95 17.87 20.82
CA ARG B 499 12.76 17.23 21.86
C ARG B 499 12.97 18.13 23.10
N SER B 500 12.80 19.47 22.93
CA SER B 500 12.88 20.41 24.05
C SER B 500 11.54 20.39 24.82
N GLN B 501 10.58 19.59 24.35
CA GLN B 501 9.24 19.55 24.95
C GLN B 501 8.89 18.24 25.54
N ARG B 502 9.56 17.17 25.11
CA ARG B 502 9.44 15.84 25.66
C ARG B 502 10.74 15.17 25.28
N SER B 503 11.36 14.46 26.23
CA SER B 503 12.67 13.83 26.10
C SER B 503 12.70 12.76 25.01
N GLY B 504 13.78 12.75 24.21
CA GLY B 504 14.05 11.74 23.19
C GLY B 504 12.98 11.48 22.13
N MET B 505 12.22 12.54 21.78
CA MET B 505 11.23 12.51 20.70
C MET B 505 12.00 12.27 19.42
N VAL B 506 11.71 11.11 18.81
CA VAL B 506 12.39 10.50 17.66
C VAL B 506 13.58 9.77 18.23
N GLN B 507 13.46 8.45 18.33
CA GLN B 507 14.46 7.61 18.98
C GLN B 507 15.68 7.17 18.15
N THR B 508 15.46 6.63 16.93
CA THR B 508 16.52 5.99 16.16
C THR B 508 16.82 6.65 14.82
N GLU B 509 17.92 6.20 14.19
CA GLU B 509 18.39 6.66 12.89
C GLU B 509 17.43 6.15 11.79
N ALA B 510 16.81 4.96 11.99
CA ALA B 510 15.84 4.37 11.05
C ALA B 510 14.57 5.24 11.00
N GLN B 511 14.15 5.78 12.15
CA GLN B 511 12.98 6.67 12.26
C GLN B 511 13.27 8.01 11.58
N TYR B 512 14.52 8.51 11.70
CA TYR B 512 15.02 9.77 11.10
C TYR B 512 14.90 9.69 9.56
N ARG B 513 15.42 8.61 8.98
CA ARG B 513 15.38 8.32 7.53
C ARG B 513 13.89 8.19 7.13
N PHE B 514 13.08 7.48 7.97
CA PHE B 514 11.65 7.30 7.74
C PHE B 514 10.96 8.65 7.62
N ILE B 515 11.31 9.65 8.48
CA ILE B 515 10.73 11.00 8.44
C ILE B 515 11.00 11.65 7.07
N TYR B 516 12.24 11.54 6.57
CA TYR B 516 12.65 12.05 5.25
C TYR B 516 11.87 11.33 4.17
N MET B 517 11.76 9.96 4.25
CA MET B 517 11.02 9.13 3.28
CA MET B 517 11.02 9.18 3.25
C MET B 517 9.54 9.55 3.21
N ALA B 518 8.93 9.80 4.38
CA ALA B 518 7.53 10.21 4.49
C ALA B 518 7.30 11.61 3.85
N VAL B 519 8.19 12.59 4.16
CA VAL B 519 8.11 13.96 3.64
C VAL B 519 8.30 13.98 2.09
N GLN B 520 9.28 13.21 1.57
CA GLN B 520 9.55 13.09 0.15
C GLN B 520 8.30 12.53 -0.58
N HIS B 521 7.80 11.36 -0.09
CA HIS B 521 6.63 10.63 -0.59
C HIS B 521 5.43 11.56 -0.70
N TYR B 522 5.20 12.37 0.32
CA TYR B 522 4.13 13.37 0.36
C TYR B 522 4.31 14.40 -0.79
N ILE B 523 5.50 15.04 -0.89
CA ILE B 523 5.88 16.02 -1.92
C ILE B 523 5.67 15.44 -3.34
N GLU B 524 5.98 14.14 -3.57
CA GLU B 524 5.78 13.43 -4.84
C GLU B 524 4.28 13.41 -5.23
N THR B 525 3.42 12.90 -4.34
CA THR B 525 1.98 12.74 -4.55
C THR B 525 1.20 14.08 -4.56
N LEU B 526 1.89 15.20 -4.34
CA LEU B 526 1.27 16.52 -4.35
C LEU B 526 0.96 16.99 -5.79
C1 JED C . -20.13 -12.80 -30.48
C2 JED C . -20.59 -11.56 -29.97
C3 JED C . -21.75 -11.05 -31.92
O1 JED C . -20.42 -15.52 -32.37
O2 JED C . -19.09 -14.14 -33.54
C11 JED C . -23.49 -7.78 -32.95
C12 JED C . -22.62 -8.69 -32.28
C13 JED C . -25.31 -7.30 -34.68
C14 JED C . -19.37 -13.35 -29.44
C15 JED C . -18.63 -14.58 -29.27
C16 JED C . -18.85 -15.34 -28.09
C17 JED C . -18.28 -16.62 -27.97
C18 JED C . -17.50 -17.12 -29.04
C19 JED C . -17.25 -16.37 -30.21
C20 JED C . -17.79 -15.07 -30.31
C10 JED C . -24.38 -8.25 -33.94
C4 JED C . -21.28 -12.24 -32.54
C5 JED C . -20.48 -13.17 -31.82
C6 JED C . -20.02 -14.39 -32.58
C7 JED C . -22.63 -10.08 -32.60
C8 JED C . -23.57 -10.54 -33.59
C9 JED C . -24.42 -9.64 -34.24
N1 JED C . -21.39 -10.73 -30.66
N2 JED C . -20.19 -11.37 -28.70
N3 JED C . -19.48 -12.48 -28.38
BR1 JED C . -16.79 -18.86 -28.85
P PO4 D . -32.28 0.70 -11.81
O1 PO4 D . -32.35 0.29 -13.36
O2 PO4 D . -33.59 1.44 -11.40
O3 PO4 D . -31.02 1.68 -11.64
O4 PO4 D . -32.10 -0.59 -10.89
C1 JED E . 22.73 19.75 11.74
C2 JED E . 23.13 18.44 11.41
C3 JED E . 24.75 19.18 9.89
O1 JED E . 23.34 22.99 12.13
O2 JED E . 22.43 22.77 10.06
C11 JED E . 26.93 17.18 7.41
C12 JED E . 25.86 17.51 8.30
C13 JED E . 29.09 17.77 6.19
C14 JED E . 21.69 19.59 12.67
C15 JED E . 20.83 20.50 13.44
C16 JED E . 20.72 20.32 14.84
C17 JED E . 20.06 21.29 15.63
C18 JED E . 19.47 22.41 15.01
C19 JED E . 19.54 22.59 13.60
C20 JED E . 20.21 21.62 12.83
C10 JED E . 27.98 18.10 7.16
C4 JED E . 24.38 20.53 10.11
C5 JED E . 23.36 20.84 11.06
C6 JED E . 23.05 22.29 11.18
C7 JED E . 25.84 18.79 8.96
C8 JED E . 26.90 19.70 8.68
C9 JED E . 27.95 19.36 7.79
N1 JED E . 24.12 18.17 10.54
N2 JED E . 22.41 17.51 12.08
N3 JED E . 21.58 18.23 12.88
BR1 JED E . 18.62 23.72 16.11
P PO4 F . 30.84 -4.15 19.64
O1 PO4 F . 31.13 -2.78 18.86
O2 PO4 F . 31.69 -5.30 18.92
O3 PO4 F . 29.35 -4.52 19.61
O4 PO4 F . 31.29 -4.02 21.17
#